data_4IW3
#
_entry.id   4IW3
#
_cell.length_a   200.704
_cell.length_b   200.704
_cell.length_c   74.833
_cell.angle_alpha   90.000
_cell.angle_beta   90.000
_cell.angle_gamma   120.000
#
_symmetry.space_group_name_H-M   'P 31 2 1'
#
loop_
_entity.id
_entity.type
_entity.pdbx_description
1 polymer 'Putative uncharacterized protein'
2 polymer 'Elongation factor Tu-A'
3 non-polymer 'MANGANESE (II) ION'
4 non-polymer N-OXALYLGLYCINE
5 non-polymer "GUANOSINE-5'-DIPHOSPHATE"
6 non-polymer 'MAGNESIUM ION'
7 water water
#
loop_
_entity_poly.entity_id
_entity_poly.type
_entity_poly.pdbx_seq_one_letter_code
_entity_poly.pdbx_strand_id
1 'polypeptide(L)'
;MGSSHHHHHHSSGLVPRGSHMASHISPEHPMLAAVVDDLATHGWSQQAHFLPADLVRALAAECRRRDAEGELNPAGVGRG
ATQEVRETIRGDQIQWIDPGQAEACDQYLAAMDQLRLAINQGLFLGLEDFECHFALYPPGAFYRRHLDRFRDDDRRMVSA
VLYLNEGWQPHDGGQLRMFLADGVEHDVEPVAGCLVVFLSGEVPHEVLPAGRERLSLTGWFRRRGNDPF
;
A,J
2 'polypeptide(L)'
;MGSSHHHHHHSSGLVPRGSHMASMTGGQQMGRGSEFMAKEKFDRSLPHVNVGTIGHVDHGKTTLTAALTRVCSEVFGSAI
VEFDKIDSAPEEKARGITINTAHVEYNSTIRHYAHVDCPGHADYVKNMITGAAQMDGAILVCSAADGPMPQTREHILLSR
QVGVPYIVVFLNKADLVDDAELLELVEMEVRDLLSTYDFPGDDTPIIIGSARMALEGKDDNEMGTTAVKKLVETLDSYIP
EPVRAIDQPFLMPIEDVFSISGRGTVVTGRIERGIVRVQDPLEIVGLRDTTTTTCTGVEMFRKLLDEGRAGENCGVLLRG
TKRDDVERGQVLVKPGSVKPHTKFTAEVYVLSKEEGGRHTPFFKGYRPQFYFRTTDVTGNCELPEGVEMVMPGDNIQMTV
TLIKTIAMEDGLRFAIREGGRTVGAGVVAKIIE
;
B,K
#
# COMPACT_ATOMS: atom_id res chain seq x y z
N HIS A 29 -6.27 -16.44 30.85
CA HIS A 29 -6.02 -17.89 30.89
C HIS A 29 -6.57 -18.58 29.63
N PRO A 30 -7.90 -18.50 29.41
CA PRO A 30 -8.47 -19.04 28.18
C PRO A 30 -8.06 -18.17 26.99
N MET A 31 -7.75 -16.90 27.29
CA MET A 31 -7.27 -15.97 26.30
C MET A 31 -5.89 -16.37 25.74
N LEU A 32 -5.12 -17.12 26.52
CA LEU A 32 -3.85 -17.64 26.04
C LEU A 32 -4.05 -18.84 25.10
N ALA A 33 -5.02 -19.67 25.42
CA ALA A 33 -5.39 -20.79 24.57
C ALA A 33 -5.77 -20.26 23.20
N ALA A 34 -6.38 -19.09 23.17
CA ALA A 34 -6.82 -18.52 21.93
C ALA A 34 -5.61 -18.15 21.07
N VAL A 35 -4.67 -17.41 21.65
CA VAL A 35 -3.47 -16.99 20.93
C VAL A 35 -2.74 -18.20 20.38
N VAL A 36 -2.69 -19.27 21.15
CA VAL A 36 -1.95 -20.46 20.77
C VAL A 36 -2.68 -21.14 19.62
N ASP A 37 -4.00 -21.20 19.69
CA ASP A 37 -4.79 -21.74 18.60
C ASP A 37 -4.63 -20.89 17.34
N ASP A 38 -4.81 -19.57 17.50
CA ASP A 38 -4.65 -18.66 16.40
C ASP A 38 -3.29 -18.84 15.69
N LEU A 39 -2.19 -18.77 16.43
CA LEU A 39 -0.87 -18.89 15.82
C LEU A 39 -0.82 -20.21 15.02
N ALA A 40 -1.34 -21.27 15.63
CA ALA A 40 -1.36 -22.60 14.98
C ALA A 40 -2.13 -22.63 13.66
N THR A 41 -3.32 -22.05 13.63
CA THR A 41 -4.12 -22.13 12.41
C THR A 41 -3.84 -20.99 11.40
N HIS A 42 -3.42 -19.82 11.87
CA HIS A 42 -3.32 -18.63 11.00
C HIS A 42 -1.99 -17.91 11.05
N GLY A 43 -1.23 -18.13 12.12
CA GLY A 43 0.09 -17.51 12.25
C GLY A 43 0.02 -16.12 12.83
N TRP A 44 -1.13 -15.76 13.39
CA TRP A 44 -1.31 -14.47 14.05
C TRP A 44 -2.63 -14.44 14.81
N SER A 45 -2.70 -13.52 15.77
CA SER A 45 -3.81 -13.44 16.69
C SER A 45 -3.93 -11.99 17.13
N GLN A 46 -5.13 -11.46 17.22
CA GLN A 46 -5.29 -10.25 18.01
C GLN A 46 -6.35 -10.40 19.10
N GLN A 47 -6.03 -9.91 20.28
CA GLN A 47 -6.92 -10.00 21.43
C GLN A 47 -7.19 -8.61 21.98
N ALA A 48 -8.47 -8.25 22.12
CA ALA A 48 -8.84 -6.99 22.79
C ALA A 48 -8.69 -7.12 24.30
N HIS A 49 -8.31 -6.03 24.95
CA HIS A 49 -8.23 -5.98 26.42
C HIS A 49 -7.43 -7.12 27.05
N PHE A 50 -6.25 -7.37 26.50
CA PHE A 50 -5.39 -8.46 26.96
C PHE A 50 -4.95 -8.25 28.40
N LEU A 51 -4.77 -7.00 28.79
CA LEU A 51 -4.53 -6.65 30.18
C LEU A 51 -5.67 -5.75 30.67
N PRO A 52 -5.85 -5.67 32.00
CA PRO A 52 -6.90 -4.78 32.50
C PRO A 52 -6.58 -3.30 32.25
N ALA A 53 -7.59 -2.49 32.00
CA ALA A 53 -7.38 -1.07 31.70
C ALA A 53 -6.48 -0.36 32.72
N ASP A 54 -6.60 -0.69 34.01
CA ASP A 54 -5.80 -0.04 35.04
C ASP A 54 -4.29 -0.24 34.81
N LEU A 55 -3.88 -1.46 34.46
CA LEU A 55 -2.47 -1.75 34.22
C LEU A 55 -1.98 -1.11 32.90
N VAL A 56 -2.91 -0.96 31.95
CA VAL A 56 -2.57 -0.43 30.64
C VAL A 56 -2.30 1.05 30.77
N ARG A 57 -3.05 1.73 31.62
CA ARG A 57 -2.84 3.17 31.85
C ARG A 57 -1.53 3.45 32.55
N ALA A 58 -1.17 2.56 33.47
CA ALA A 58 0.11 2.66 34.17
C ALA A 58 1.30 2.38 33.22
N LEU A 59 1.12 1.50 32.23
CA LEU A 59 2.19 1.26 31.28
C LEU A 59 2.35 2.47 30.36
N ALA A 60 1.22 3.07 30.00
CA ALA A 60 1.24 4.29 29.22
C ALA A 60 1.89 5.41 30.02
N ALA A 61 1.66 5.41 31.34
CA ALA A 61 2.19 6.43 32.24
C ALA A 61 3.69 6.31 32.44
N GLU A 62 4.17 5.06 32.48
CA GLU A 62 5.58 4.78 32.57
C GLU A 62 6.30 5.19 31.28
N CYS A 63 5.67 4.93 30.15
CA CYS A 63 6.19 5.39 28.86
C CYS A 63 6.33 6.90 28.84
N ARG A 64 5.32 7.62 29.31
CA ARG A 64 5.39 9.06 29.27
C ARG A 64 6.46 9.58 30.22
N ARG A 65 6.50 9.01 31.41
CA ARG A 65 7.49 9.37 32.44
C ARG A 65 8.90 9.28 31.88
N ARG A 66 9.17 8.25 31.06
CA ARG A 66 10.48 8.06 30.43
C ARG A 66 10.78 9.10 29.38
N ASP A 67 9.82 9.33 28.49
CA ASP A 67 9.95 10.36 27.47
C ASP A 67 10.33 11.68 28.12
N ALA A 68 9.65 12.00 29.23
CA ALA A 68 9.84 13.27 29.90
C ALA A 68 11.26 13.42 30.44
N GLU A 69 11.97 12.31 30.60
CA GLU A 69 13.33 12.36 31.10
C GLU A 69 14.41 12.12 30.02
N GLY A 70 14.03 12.24 28.75
CA GLY A 70 14.95 12.01 27.64
C GLY A 70 15.53 10.60 27.56
N GLU A 71 14.85 9.64 28.18
CA GLU A 71 15.36 8.27 28.25
C GLU A 71 14.98 7.42 27.02
N LEU A 72 14.11 7.95 26.14
CA LEU A 72 13.80 7.31 24.85
C LEU A 72 14.65 7.93 23.76
N ASN A 73 15.20 7.09 22.90
CA ASN A 73 16.08 7.55 21.83
C ASN A 73 15.66 6.98 20.50
N PRO A 74 16.06 7.66 19.42
CA PRO A 74 15.79 7.10 18.09
C PRO A 74 16.16 5.61 17.95
N ALA A 75 15.15 4.83 17.59
CA ALA A 75 15.33 3.42 17.30
C ALA A 75 16.00 3.22 15.94
N GLY A 76 16.79 2.15 15.84
CA GLY A 76 17.48 1.79 14.61
C GLY A 76 17.06 0.44 14.04
N VAL A 77 17.74 0.06 12.96
CA VAL A 77 17.37 -1.10 12.18
C VAL A 77 18.60 -1.89 11.74
N GLY A 78 18.48 -3.21 11.71
CA GLY A 78 19.61 -4.07 11.41
C GLY A 78 20.29 -4.61 12.64
N ARG A 79 21.33 -5.41 12.44
CA ARG A 79 21.97 -6.12 13.54
C ARG A 79 23.47 -5.90 13.45
N GLY A 80 24.12 -5.98 14.60
CA GLY A 80 25.57 -5.94 14.66
C GLY A 80 26.15 -4.69 14.04
N ALA A 81 27.15 -4.87 13.17
CA ALA A 81 27.96 -3.77 12.62
C ALA A 81 27.19 -2.86 11.66
N THR A 82 26.09 -3.36 11.10
CA THR A 82 25.29 -2.60 10.13
C THR A 82 23.97 -2.03 10.73
N GLN A 83 23.87 -1.99 12.06
CA GLN A 83 22.72 -1.40 12.74
C GLN A 83 22.81 0.11 12.61
N GLU A 84 21.80 0.74 12.04
CA GLU A 84 21.83 2.19 11.84
C GLU A 84 20.45 2.79 12.09
N VAL A 85 20.44 4.00 12.60
CA VAL A 85 19.23 4.79 12.63
C VAL A 85 19.05 5.31 11.21
N ARG A 86 18.06 4.77 10.51
CA ARG A 86 17.66 5.24 9.21
C ARG A 86 16.23 5.71 9.33
N GLU A 87 16.04 7.01 9.21
CA GLU A 87 14.76 7.63 9.56
C GLU A 87 13.77 7.60 8.38
N THR A 88 14.23 7.19 7.21
CA THR A 88 13.32 6.92 6.10
C THR A 88 12.72 5.51 6.16
N ILE A 89 13.13 4.74 7.16
CA ILE A 89 12.57 3.41 7.37
C ILE A 89 11.81 3.34 8.69
N ARG A 90 12.40 3.86 9.76
CA ARG A 90 11.85 3.67 11.10
C ARG A 90 12.10 4.94 11.91
N GLY A 91 11.05 5.47 12.55
CA GLY A 91 11.11 6.76 13.20
C GLY A 91 10.64 6.79 14.65
N ASP A 92 10.16 5.67 15.18
CA ASP A 92 9.78 5.63 16.61
C ASP A 92 10.98 5.79 17.56
N GLN A 93 10.68 6.20 18.80
CA GLN A 93 11.70 6.44 19.83
C GLN A 93 11.56 5.36 20.90
N ILE A 94 12.68 4.80 21.38
CA ILE A 94 12.54 3.61 22.21
C ILE A 94 13.38 3.55 23.48
N GLN A 95 12.99 2.63 24.35
CA GLN A 95 13.86 2.20 25.45
C GLN A 95 13.56 0.80 25.91
N TRP A 96 14.59 -0.02 26.01
CA TRP A 96 14.40 -1.39 26.43
C TRP A 96 13.98 -1.50 27.89
N ILE A 97 13.24 -2.57 28.15
CA ILE A 97 12.67 -2.85 29.43
C ILE A 97 13.39 -4.01 30.11
N ASP A 98 13.68 -3.87 31.41
CA ASP A 98 14.17 -4.99 32.22
C ASP A 98 13.37 -5.13 33.52
N PRO A 99 13.43 -6.30 34.14
CA PRO A 99 12.78 -6.48 35.45
C PRO A 99 13.31 -5.52 36.54
N GLY A 100 12.43 -5.02 37.40
CA GLY A 100 12.83 -4.16 38.49
C GLY A 100 12.81 -2.65 38.22
N GLN A 101 12.38 -2.27 37.02
CA GLN A 101 12.26 -0.85 36.68
C GLN A 101 10.96 -0.24 37.16
N ALA A 102 9.87 -1.01 37.13
CA ALA A 102 8.56 -0.51 37.53
C ALA A 102 7.61 -1.69 37.64
N GLU A 103 6.74 -1.69 38.65
CA GLU A 103 5.89 -2.86 38.88
C GLU A 103 4.92 -3.07 37.70
N ALA A 104 4.51 -1.99 37.05
CA ALA A 104 3.64 -2.15 35.88
C ALA A 104 4.36 -3.06 34.87
N CYS A 105 5.62 -2.77 34.62
CA CYS A 105 6.37 -3.55 33.66
C CYS A 105 6.64 -4.94 34.17
N ASP A 106 6.84 -5.08 35.46
CA ASP A 106 7.12 -6.41 36.00
C ASP A 106 5.88 -7.25 35.74
N GLN A 107 4.71 -6.64 35.94
CA GLN A 107 3.46 -7.31 35.66
C GLN A 107 3.36 -7.71 34.18
N TYR A 108 3.69 -6.79 33.27
CA TYR A 108 3.72 -7.09 31.83
C TYR A 108 4.62 -8.29 31.55
N LEU A 109 5.88 -8.19 31.96
CA LEU A 109 6.83 -9.28 31.74
C LEU A 109 6.27 -10.59 32.24
N ALA A 110 5.47 -10.54 33.29
CA ALA A 110 4.96 -11.77 33.89
C ALA A 110 3.88 -12.34 32.97
N ALA A 111 3.02 -11.48 32.45
CA ALA A 111 1.99 -11.90 31.51
C ALA A 111 2.67 -12.52 30.29
N MET A 112 3.71 -11.86 29.79
CA MET A 112 4.39 -12.30 28.60
C MET A 112 5.06 -13.64 28.82
N ASP A 113 5.55 -13.86 30.02
CA ASP A 113 6.22 -15.11 30.31
C ASP A 113 5.18 -16.23 30.43
N GLN A 114 3.94 -15.87 30.76
CA GLN A 114 2.88 -16.87 30.86
C GLN A 114 2.55 -17.27 29.43
N LEU A 115 2.60 -16.30 28.53
CA LEU A 115 2.40 -16.53 27.11
C LEU A 115 3.52 -17.40 26.54
N ARG A 116 4.75 -17.01 26.80
CA ARG A 116 5.89 -17.79 26.34
C ARG A 116 5.69 -19.27 26.67
N LEU A 117 5.27 -19.57 27.90
CA LEU A 117 5.16 -20.96 28.34
C LEU A 117 4.00 -21.68 27.71
N ALA A 118 2.90 -20.96 27.51
CA ALA A 118 1.75 -21.52 26.82
C ALA A 118 2.20 -21.93 25.41
N ILE A 119 2.83 -21.01 24.70
CA ILE A 119 3.24 -21.26 23.35
C ILE A 119 4.22 -22.43 23.32
N ASN A 120 5.16 -22.50 24.27
CA ASN A 120 6.05 -23.64 24.30
C ASN A 120 5.29 -24.97 24.48
N GLN A 121 4.34 -25.00 25.40
CA GLN A 121 3.66 -26.27 25.71
C GLN A 121 2.69 -26.72 24.60
N GLY A 122 2.14 -25.76 23.86
CA GLY A 122 1.17 -26.09 22.84
C GLY A 122 1.70 -26.24 21.42
N LEU A 123 2.80 -25.56 21.11
CA LEU A 123 3.32 -25.57 19.74
C LEU A 123 4.76 -26.05 19.66
N PHE A 124 5.36 -26.31 20.81
CA PHE A 124 6.76 -26.70 20.86
C PHE A 124 7.72 -25.78 20.06
N LEU A 125 7.53 -24.47 20.14
CA LEU A 125 8.39 -23.55 19.38
C LEU A 125 9.76 -23.35 19.99
N GLY A 126 9.91 -23.63 21.28
CA GLY A 126 11.21 -23.49 21.92
C GLY A 126 11.63 -22.05 22.18
N LEU A 127 10.69 -21.21 22.60
CA LEU A 127 10.99 -19.85 23.02
C LEU A 127 11.77 -19.82 24.34
N GLU A 128 12.93 -19.21 24.32
CA GLU A 128 13.80 -19.16 25.48
C GLU A 128 13.69 -17.86 26.28
N ASP A 129 13.67 -16.72 25.58
CA ASP A 129 13.62 -15.44 26.27
C ASP A 129 12.77 -14.38 25.51
N PHE A 130 12.76 -13.15 26.02
CA PHE A 130 11.90 -12.09 25.50
C PHE A 130 12.55 -10.71 25.61
N GLU A 131 12.79 -10.09 24.47
CA GLU A 131 13.22 -8.70 24.36
C GLU A 131 11.96 -7.86 24.23
N CYS A 132 11.86 -6.72 24.92
CA CYS A 132 10.81 -5.76 24.62
C CYS A 132 11.21 -4.36 25.01
N HIS A 133 10.61 -3.40 24.32
CA HIS A 133 10.85 -2.02 24.65
C HIS A 133 9.56 -1.21 24.55
N PHE A 134 9.50 -0.12 25.33
CA PHE A 134 8.53 0.95 25.09
C PHE A 134 8.88 1.60 23.73
N ALA A 135 7.85 1.99 22.99
CA ALA A 135 8.01 2.64 21.69
C ALA A 135 7.01 3.77 21.54
N LEU A 136 7.53 4.95 21.19
CA LEU A 136 6.72 6.14 20.97
C LEU A 136 6.95 6.66 19.57
N TYR A 137 5.93 6.62 18.72
CA TYR A 137 6.00 7.27 17.41
C TYR A 137 5.50 8.66 17.57
N PRO A 138 6.36 9.65 17.35
CA PRO A 138 5.79 10.99 17.30
C PRO A 138 4.96 11.13 16.02
N PRO A 139 4.02 12.08 16.00
CA PRO A 139 3.16 12.22 14.83
C PRO A 139 3.95 12.42 13.54
N GLY A 140 3.70 11.57 12.55
CA GLY A 140 4.41 11.63 11.28
C GLY A 140 5.37 10.47 11.13
N ALA A 141 5.92 10.02 12.25
CA ALA A 141 6.82 8.86 12.26
C ALA A 141 6.04 7.61 11.84
N PHE A 142 6.78 6.67 11.27
CA PHE A 142 6.20 5.47 10.71
C PHE A 142 7.25 4.35 10.75
N TYR A 143 6.93 3.19 10.21
CA TYR A 143 7.88 2.10 10.12
C TYR A 143 7.53 1.36 8.86
N ARG A 144 8.38 1.50 7.85
CA ARG A 144 8.09 0.90 6.56
C ARG A 144 8.06 -0.64 6.61
N ARG A 145 7.51 -1.23 5.55
CA ARG A 145 7.30 -2.66 5.48
C ARG A 145 8.56 -3.46 5.76
N HIS A 146 8.45 -4.45 6.63
CA HIS A 146 9.58 -5.25 7.10
C HIS A 146 9.17 -6.61 7.71
N LEU A 147 10.12 -7.53 7.82
CA LEU A 147 10.01 -8.70 8.70
C LEU A 147 10.71 -8.44 10.03
N ASP A 148 10.19 -8.96 11.11
CA ASP A 148 10.87 -8.77 12.38
C ASP A 148 12.14 -9.62 12.49
N ARG A 149 12.18 -10.74 11.78
CA ARG A 149 13.33 -11.64 11.84
C ARG A 149 14.48 -11.09 11.00
N PHE A 150 15.71 -11.12 11.52
CA PHE A 150 16.86 -10.59 10.76
C PHE A 150 17.23 -11.50 9.59
N ARG A 151 17.78 -10.89 8.55
CA ARG A 151 18.10 -11.59 7.30
C ARG A 151 19.10 -12.71 7.56
N ASP A 152 19.94 -12.54 8.58
CA ASP A 152 21.06 -13.46 8.84
C ASP A 152 21.15 -13.89 10.32
N ASP A 153 20.04 -13.79 11.03
CA ASP A 153 19.92 -14.34 12.38
C ASP A 153 18.46 -14.73 12.54
N ASP A 154 18.19 -16.01 12.78
CA ASP A 154 16.84 -16.54 12.73
C ASP A 154 16.22 -16.81 14.10
N ARG A 155 16.79 -16.22 15.14
CA ARG A 155 16.37 -16.50 16.50
C ARG A 155 14.95 -16.00 16.80
N ARG A 156 14.54 -14.86 16.21
CA ARG A 156 13.18 -14.35 16.45
C ARG A 156 12.07 -15.23 15.85
N MET A 157 11.13 -15.65 16.70
CA MET A 157 10.01 -16.51 16.29
C MET A 157 8.67 -15.87 16.47
N VAL A 158 8.41 -15.28 17.61
CA VAL A 158 7.09 -14.69 17.85
C VAL A 158 7.22 -13.23 18.21
N SER A 159 6.39 -12.43 17.55
CA SER A 159 6.34 -11.00 17.80
C SER A 159 5.10 -10.72 18.62
N ALA A 160 5.21 -9.76 19.53
CA ALA A 160 4.07 -9.37 20.33
C ALA A 160 4.12 -7.87 20.51
N VAL A 161 2.96 -7.24 20.26
CA VAL A 161 2.82 -5.80 20.39
C VAL A 161 1.61 -5.49 21.26
N LEU A 162 1.79 -4.69 22.30
CA LEU A 162 0.68 -4.25 23.12
C LEU A 162 0.50 -2.72 22.98
N TYR A 163 -0.68 -2.28 22.57
CA TYR A 163 -0.92 -0.83 22.43
C TYR A 163 -1.45 -0.19 23.72
N LEU A 164 -1.29 1.12 23.86
CA LEU A 164 -1.53 1.79 25.14
C LEU A 164 -2.34 3.07 24.97
N ASN A 165 -2.95 3.26 23.81
CA ASN A 165 -3.59 4.53 23.50
C ASN A 165 -5.11 4.57 23.72
N GLU A 166 -5.52 5.58 24.48
CA GLU A 166 -6.90 5.76 24.87
C GLU A 166 -7.58 6.65 23.84
N GLY A 167 -8.89 6.45 23.65
CA GLY A 167 -9.67 7.18 22.67
C GLY A 167 -9.13 7.24 21.25
N TRP A 168 -8.51 6.17 20.77
CA TRP A 168 -8.04 6.18 19.40
C TRP A 168 -9.22 6.23 18.43
N GLN A 169 -8.98 6.72 17.21
CA GLN A 169 -10.02 6.80 16.19
C GLN A 169 -9.44 6.73 14.78
N PRO A 170 -10.26 6.29 13.82
CA PRO A 170 -9.75 5.97 12.48
C PRO A 170 -9.12 7.17 11.78
N HIS A 171 -9.56 8.37 12.11
CA HIS A 171 -9.01 9.60 11.53
C HIS A 171 -7.58 9.88 11.99
N ASP A 172 -7.17 9.22 13.07
CA ASP A 172 -5.84 9.33 13.65
C ASP A 172 -4.80 8.50 12.92
N GLY A 173 -5.26 7.64 12.01
CA GLY A 173 -4.36 6.74 11.29
C GLY A 173 -3.49 5.90 12.21
N GLY A 174 -2.26 5.65 11.81
CA GLY A 174 -1.33 4.95 12.69
C GLY A 174 -1.57 3.47 12.92
N GLN A 175 -2.21 2.80 11.98
CA GLN A 175 -2.47 1.38 12.15
C GLN A 175 -1.26 0.52 11.81
N LEU A 176 -1.14 -0.61 12.50
CA LEU A 176 -0.28 -1.67 12.03
C LEU A 176 -1.00 -2.28 10.85
N ARG A 177 -0.27 -2.52 9.77
CA ARG A 177 -0.83 -3.21 8.63
C ARG A 177 -0.06 -4.50 8.39
N MET A 178 -0.77 -5.63 8.34
CA MET A 178 -0.13 -6.93 8.25
C MET A 178 -0.42 -7.54 6.89
N PHE A 179 0.62 -8.10 6.29
CA PHE A 179 0.47 -8.80 5.03
C PHE A 179 0.41 -10.31 5.25
N LEU A 180 -0.82 -10.80 5.18
CA LEU A 180 -1.11 -12.20 5.41
C LEU A 180 -0.98 -13.00 4.11
N ALA A 181 -1.26 -14.31 4.19
CA ALA A 181 -1.24 -15.16 3.01
C ALA A 181 -2.21 -14.69 1.94
N ASP A 182 -1.89 -15.00 0.69
CA ASP A 182 -2.85 -14.85 -0.40
C ASP A 182 -3.20 -13.39 -0.64
N GLY A 183 -2.23 -12.52 -0.41
CA GLY A 183 -2.37 -11.11 -0.77
C GLY A 183 -3.24 -10.31 0.17
N VAL A 184 -3.79 -10.99 1.18
CA VAL A 184 -4.70 -10.41 2.15
C VAL A 184 -4.01 -9.39 3.04
N GLU A 185 -4.58 -8.21 3.18
CA GLU A 185 -4.04 -7.26 4.16
C GLU A 185 -4.99 -7.06 5.33
N HIS A 186 -4.45 -6.83 6.50
CA HIS A 186 -5.30 -6.59 7.67
C HIS A 186 -4.77 -5.43 8.51
N ASP A 187 -5.61 -4.44 8.83
CA ASP A 187 -5.18 -3.29 9.65
C ASP A 187 -5.59 -3.47 11.11
N VAL A 188 -4.76 -3.04 12.03
CA VAL A 188 -5.10 -3.07 13.44
C VAL A 188 -4.91 -1.66 14.00
N GLU A 189 -5.95 -1.06 14.57
CA GLU A 189 -5.81 0.24 15.18
C GLU A 189 -5.08 0.08 16.51
N PRO A 190 -4.23 1.06 16.87
CA PRO A 190 -3.41 0.87 18.07
C PRO A 190 -4.16 1.26 19.34
N VAL A 191 -5.13 0.44 19.70
CA VAL A 191 -6.05 0.75 20.80
C VAL A 191 -5.61 0.16 22.15
N ALA A 192 -5.70 0.98 23.19
CA ALA A 192 -5.36 0.53 24.54
C ALA A 192 -5.81 -0.90 24.81
N GLY A 193 -4.89 -1.71 25.31
CA GLY A 193 -5.21 -3.05 25.75
C GLY A 193 -5.05 -4.09 24.67
N CYS A 194 -5.03 -3.65 23.42
CA CYS A 194 -4.99 -4.59 22.31
C CYS A 194 -3.58 -5.21 22.14
N LEU A 195 -3.57 -6.52 21.93
CA LEU A 195 -2.34 -7.27 21.78
C LEU A 195 -2.38 -7.98 20.45
N VAL A 196 -1.25 -7.94 19.74
CA VAL A 196 -1.13 -8.60 18.45
C VAL A 196 0.11 -9.48 18.47
N VAL A 197 -0.07 -10.73 18.08
CA VAL A 197 0.98 -11.72 18.15
C VAL A 197 1.12 -12.38 16.80
N PHE A 198 2.33 -12.43 16.27
CA PHE A 198 2.51 -13.11 14.99
C PHE A 198 3.87 -13.77 14.83
N LEU A 199 3.95 -14.67 13.83
CA LEU A 199 5.18 -15.34 13.49
C LEU A 199 6.19 -14.36 12.85
N SER A 200 7.27 -14.09 13.58
CA SER A 200 8.21 -13.06 13.21
C SER A 200 8.87 -13.34 11.86
N GLY A 201 9.08 -14.59 11.54
CA GLY A 201 9.71 -14.94 10.27
C GLY A 201 8.77 -14.96 9.07
N GLU A 202 7.49 -14.67 9.29
CA GLU A 202 6.52 -14.97 8.26
C GLU A 202 5.47 -13.91 7.96
N VAL A 203 5.31 -12.90 8.81
CA VAL A 203 4.29 -11.89 8.56
C VAL A 203 4.90 -10.52 8.36
N PRO A 204 5.10 -10.14 7.09
CA PRO A 204 5.55 -8.77 6.83
C PRO A 204 4.50 -7.79 7.37
N HIS A 205 4.91 -6.63 7.83
CA HIS A 205 3.95 -5.65 8.33
C HIS A 205 4.60 -4.27 8.32
N GLU A 206 3.83 -3.20 8.56
CA GLU A 206 4.35 -1.83 8.57
C GLU A 206 3.44 -1.00 9.48
N VAL A 207 3.94 0.12 9.96
CA VAL A 207 3.15 1.02 10.77
C VAL A 207 2.93 2.30 10.00
N LEU A 208 1.67 2.70 9.82
CA LEU A 208 1.38 3.92 9.04
C LEU A 208 1.51 5.16 9.90
N PRO A 209 1.73 6.31 9.27
CA PRO A 209 1.79 7.55 10.08
C PRO A 209 0.53 7.75 10.91
N ALA A 210 0.66 8.48 12.03
CA ALA A 210 -0.52 8.89 12.81
C ALA A 210 -0.51 10.40 13.12
N GLY A 211 -1.67 10.96 13.42
CA GLY A 211 -1.81 12.37 13.72
C GLY A 211 -1.58 12.71 15.19
N ARG A 212 -1.42 11.68 16.01
CA ARG A 212 -1.17 11.90 17.42
C ARG A 212 -0.19 10.88 17.94
N GLU A 213 0.27 11.12 19.16
CA GLU A 213 1.20 10.26 19.86
C GLU A 213 0.72 8.83 19.87
N ARG A 214 1.64 7.91 19.61
CA ARG A 214 1.31 6.50 19.52
C ARG A 214 2.23 5.69 20.44
N LEU A 215 1.72 5.25 21.59
CA LEU A 215 2.51 4.46 22.56
C LEU A 215 2.29 2.94 22.37
N SER A 216 3.33 2.15 22.65
CA SER A 216 3.21 0.71 22.54
C SER A 216 4.32 -0.03 23.29
N LEU A 217 4.18 -1.35 23.38
CA LEU A 217 5.16 -2.20 24.01
C LEU A 217 5.41 -3.36 23.06
N THR A 218 6.50 -3.27 22.32
CA THR A 218 6.83 -4.25 21.31
C THR A 218 7.95 -5.14 21.79
N GLY A 219 7.86 -6.41 21.40
CA GLY A 219 8.87 -7.39 21.74
C GLY A 219 8.88 -8.63 20.86
N TRP A 220 9.85 -9.49 21.15
CA TRP A 220 10.07 -10.69 20.36
C TRP A 220 10.45 -11.81 21.29
N PHE A 221 9.79 -12.94 21.12
CA PHE A 221 10.25 -14.16 21.77
C PHE A 221 11.21 -14.79 20.81
N ARG A 222 12.26 -15.42 21.31
CA ARG A 222 13.20 -16.03 20.40
C ARG A 222 13.67 -17.36 20.97
N ARG A 223 14.18 -18.17 20.05
CA ARG A 223 14.51 -19.57 20.31
C ARG A 223 16.03 -19.64 20.31
N ARG A 224 16.60 -20.81 20.60
CA ARG A 224 18.06 -20.99 20.56
C ARG A 224 18.72 -20.60 19.23
N GLY A 225 19.94 -20.10 19.31
CA GLY A 225 20.73 -19.81 18.13
C GLY A 225 21.76 -20.88 17.87
N ASN A 226 22.96 -20.49 17.45
CA ASN A 226 24.07 -21.45 17.25
C ASN A 226 25.11 -21.37 18.36
N ASP A 227 25.03 -20.32 19.17
CA ASP A 227 25.94 -20.15 20.30
C ASP A 227 25.21 -19.48 21.47
N PRO A 228 25.75 -19.64 22.70
CA PRO A 228 25.34 -18.84 23.87
C PRO A 228 26.03 -17.47 23.88
N PHE A 229 27.20 -17.41 23.24
CA PHE A 229 28.00 -16.21 23.15
C PHE A 229 29.40 -16.61 22.73
N LEU B 46 27.86 -25.70 -6.25
CA LEU B 46 28.96 -24.98 -5.60
C LEU B 46 28.96 -25.12 -4.07
N PRO B 47 29.74 -26.08 -3.54
CA PRO B 47 29.81 -26.26 -2.08
C PRO B 47 30.25 -24.98 -1.36
N HIS B 48 29.87 -24.86 -0.09
CA HIS B 48 30.22 -23.69 0.70
C HIS B 48 31.35 -24.02 1.65
N VAL B 49 32.55 -23.51 1.36
CA VAL B 49 33.71 -23.74 2.22
C VAL B 49 34.09 -22.47 2.98
N ASN B 50 34.20 -22.57 4.31
CA ASN B 50 34.65 -21.46 5.12
C ASN B 50 36.17 -21.43 5.24
N VAL B 51 36.75 -20.26 5.03
CA VAL B 51 38.19 -20.07 4.94
C VAL B 51 38.51 -18.75 5.62
N GLY B 52 39.79 -18.49 5.92
CA GLY B 52 40.19 -17.21 6.50
C GLY B 52 41.70 -17.07 6.58
N THR B 53 42.18 -15.83 6.60
CA THR B 53 43.62 -15.57 6.73
C THR B 53 44.04 -15.32 8.18
N ILE B 54 45.13 -15.95 8.59
CA ILE B 54 45.73 -15.74 9.90
C ILE B 54 47.24 -15.55 9.73
N GLY B 55 47.84 -14.83 10.68
CA GLY B 55 49.27 -14.62 10.71
C GLY B 55 49.60 -13.38 11.49
N HIS B 56 50.87 -12.97 11.44
CA HIS B 56 51.32 -11.77 12.13
C HIS B 56 50.75 -10.50 11.48
N VAL B 57 51.03 -9.33 12.06
CA VAL B 57 50.58 -8.07 11.48
C VAL B 57 51.54 -7.59 10.40
N ASP B 58 51.00 -6.80 9.46
CA ASP B 58 51.80 -6.16 8.43
C ASP B 58 52.34 -7.16 7.42
N HIS B 59 52.06 -8.44 7.64
CA HIS B 59 52.56 -9.50 6.77
C HIS B 59 51.76 -9.62 5.50
N GLY B 60 50.59 -8.98 5.49
CA GLY B 60 49.81 -8.85 4.27
C GLY B 60 48.59 -9.73 4.21
N LYS B 61 48.00 -10.06 5.35
CA LYS B 61 46.74 -10.79 5.34
C LYS B 61 45.68 -10.02 4.58
N THR B 62 45.41 -8.81 5.02
CA THR B 62 44.36 -7.99 4.42
C THR B 62 44.60 -7.82 2.91
N THR B 63 45.86 -7.85 2.50
CA THR B 63 46.22 -7.68 1.11
C THR B 63 46.00 -8.95 0.25
N LEU B 64 46.33 -10.12 0.77
CA LEU B 64 46.07 -11.37 0.08
C LEU B 64 44.56 -11.59 -0.05
N THR B 65 43.82 -10.92 0.83
CA THR B 65 42.35 -10.99 0.82
C THR B 65 41.76 -10.29 -0.41
N ALA B 66 42.21 -9.07 -0.70
CA ALA B 66 41.73 -8.34 -1.88
C ALA B 66 42.27 -9.01 -3.13
N ALA B 67 43.49 -9.50 -2.99
CA ALA B 67 44.18 -10.19 -4.06
C ALA B 67 43.39 -11.41 -4.51
N LEU B 68 42.87 -12.16 -3.56
CA LEU B 68 42.11 -13.36 -3.86
C LEU B 68 40.82 -13.05 -4.62
N THR B 69 40.18 -11.95 -4.26
CA THR B 69 38.93 -11.54 -4.91
C THR B 69 39.18 -11.19 -6.37
N ARG B 70 40.26 -10.47 -6.64
CA ARG B 70 40.55 -10.01 -7.98
C ARG B 70 40.98 -11.16 -8.88
N VAL B 71 41.91 -11.98 -8.41
CA VAL B 71 42.41 -13.09 -9.22
C VAL B 71 41.26 -14.05 -9.57
N CYS B 72 40.35 -14.26 -8.64
CA CYS B 72 39.20 -15.12 -8.88
C CYS B 72 38.15 -14.46 -9.79
N SER B 73 37.84 -13.19 -9.51
CA SER B 73 36.86 -12.45 -10.30
C SER B 73 37.29 -12.31 -11.77
N GLU B 74 38.59 -12.10 -11.99
CA GLU B 74 39.11 -11.99 -13.35
C GLU B 74 39.30 -13.35 -14.01
N VAL B 75 39.63 -14.37 -13.20
CA VAL B 75 40.01 -15.67 -13.73
C VAL B 75 39.06 -16.82 -13.30
N PHE B 76 37.90 -16.49 -12.74
CA PHE B 76 36.97 -17.48 -12.19
C PHE B 76 35.53 -16.95 -12.04
N GLY B 77 34.96 -16.36 -13.10
CA GLY B 77 33.60 -15.86 -13.01
C GLY B 77 33.29 -14.90 -11.86
N SER B 78 32.50 -15.36 -10.87
CA SER B 78 32.04 -14.55 -9.72
C SER B 78 30.60 -14.05 -9.90
N LYS B 85 21.49 -4.65 -0.41
CA LYS B 85 20.21 -4.42 0.26
C LYS B 85 20.38 -4.29 1.79
N ILE B 86 19.60 -3.39 2.41
CA ILE B 86 19.64 -3.14 3.87
C ILE B 86 18.61 -3.97 4.65
N ASP B 87 18.93 -4.32 5.90
CA ASP B 87 18.00 -5.08 6.72
C ASP B 87 17.13 -4.16 7.54
N SER B 88 15.81 -4.29 7.36
CA SER B 88 14.87 -3.36 7.95
C SER B 88 14.32 -3.80 9.30
N ALA B 89 14.76 -4.96 9.78
CA ALA B 89 14.25 -5.50 11.01
C ALA B 89 14.64 -4.61 12.16
N PRO B 90 13.80 -4.54 13.19
CA PRO B 90 14.08 -3.75 14.39
C PRO B 90 15.36 -4.20 15.10
N GLU B 91 16.10 -3.25 15.66
CA GLU B 91 17.32 -3.52 16.40
C GLU B 91 17.07 -4.43 17.59
N GLU B 92 18.12 -5.09 18.08
CA GLU B 92 17.99 -5.96 19.26
C GLU B 92 18.53 -5.30 20.53
N LYS B 93 18.33 -5.93 21.69
CA LYS B 93 18.64 -5.33 22.96
C LYS B 93 20.12 -5.21 23.25
N ALA B 94 20.84 -6.32 23.22
CA ALA B 94 22.17 -6.34 23.80
C ALA B 94 23.33 -6.00 22.84
N ARG B 95 23.77 -6.99 22.07
CA ARG B 95 24.94 -6.86 21.19
C ARG B 95 26.10 -7.77 21.61
N GLY B 96 26.50 -7.66 22.89
CA GLY B 96 27.48 -8.56 23.47
C GLY B 96 28.93 -8.26 23.11
N ILE B 97 29.64 -9.28 22.63
CA ILE B 97 31.02 -9.09 22.22
C ILE B 97 31.01 -8.29 20.93
N THR B 98 32.00 -7.42 20.73
CA THR B 98 32.17 -6.72 19.46
C THR B 98 33.27 -7.39 18.65
N ILE B 99 32.87 -8.16 17.63
CA ILE B 99 33.85 -8.81 16.76
C ILE B 99 34.18 -7.92 15.58
N ASN B 100 35.42 -7.47 15.50
CA ASN B 100 35.84 -6.71 14.35
C ASN B 100 36.33 -7.66 13.30
N THR B 101 35.48 -7.88 12.31
CA THR B 101 35.68 -8.96 11.37
C THR B 101 35.24 -8.49 10.00
N ALA B 102 36.07 -8.75 8.98
CA ALA B 102 35.72 -8.45 7.60
C ALA B 102 35.44 -9.72 6.82
N HIS B 103 34.49 -9.63 5.89
CA HIS B 103 34.10 -10.78 5.08
C HIS B 103 34.13 -10.48 3.60
N VAL B 104 34.57 -11.46 2.81
CA VAL B 104 34.62 -11.36 1.37
C VAL B 104 34.17 -12.71 0.81
N GLU B 105 33.73 -12.72 -0.44
CA GLU B 105 33.36 -13.97 -1.09
C GLU B 105 34.07 -14.06 -2.44
N TYR B 106 34.51 -15.27 -2.80
CA TYR B 106 35.11 -15.52 -4.10
C TYR B 106 34.94 -16.99 -4.51
N ASN B 107 34.79 -17.23 -5.81
CA ASN B 107 34.48 -18.57 -6.32
C ASN B 107 35.58 -19.13 -7.18
N SER B 108 35.96 -20.38 -6.92
CA SER B 108 36.82 -21.10 -7.84
C SER B 108 35.90 -21.89 -8.74
N THR B 109 36.47 -22.64 -9.68
CA THR B 109 35.66 -23.48 -10.56
C THR B 109 34.94 -24.56 -9.76
N ILE B 110 35.63 -25.14 -8.78
CA ILE B 110 35.11 -26.28 -8.04
C ILE B 110 34.18 -25.89 -6.89
N ARG B 111 34.47 -24.78 -6.21
CA ARG B 111 33.77 -24.47 -4.96
C ARG B 111 33.61 -22.96 -4.65
N HIS B 112 32.78 -22.66 -3.65
CA HIS B 112 32.52 -21.27 -3.25
C HIS B 112 33.11 -20.96 -1.87
N TYR B 113 33.85 -19.86 -1.77
CA TYR B 113 34.59 -19.57 -0.54
C TYR B 113 34.06 -18.35 0.24
N ALA B 114 33.97 -18.51 1.55
CA ALA B 114 33.64 -17.41 2.47
C ALA B 114 34.86 -17.11 3.31
N HIS B 115 35.31 -15.86 3.27
CA HIS B 115 36.66 -15.51 3.71
C HIS B 115 36.61 -14.52 4.86
N VAL B 116 37.39 -14.79 5.89
CA VAL B 116 37.37 -13.96 7.07
C VAL B 116 38.75 -13.35 7.30
N ASP B 117 38.80 -12.03 7.39
CA ASP B 117 40.04 -11.31 7.67
C ASP B 117 39.73 -10.53 8.94
N CYS B 118 40.76 -10.18 9.70
CA CYS B 118 40.57 -9.46 10.96
C CYS B 118 41.61 -8.36 11.11
N PRO B 119 41.19 -7.21 11.64
CA PRO B 119 42.16 -6.16 11.92
C PRO B 119 43.17 -6.59 12.97
N GLY B 120 42.79 -6.60 14.23
CA GLY B 120 43.74 -6.75 15.31
C GLY B 120 43.88 -8.17 15.85
N HIS B 121 45.08 -8.50 16.32
CA HIS B 121 45.31 -9.80 16.92
C HIS B 121 44.20 -10.16 17.90
N ALA B 122 43.87 -9.22 18.78
CA ALA B 122 42.80 -9.42 19.74
C ALA B 122 41.54 -9.83 19.02
N ASP B 123 41.30 -9.25 17.84
CA ASP B 123 40.10 -9.58 17.08
C ASP B 123 40.12 -11.06 16.67
N TYR B 124 41.32 -11.54 16.31
CA TYR B 124 41.49 -12.93 15.89
C TYR B 124 41.15 -13.88 17.03
N VAL B 125 41.60 -13.51 18.22
CA VAL B 125 41.39 -14.31 19.42
C VAL B 125 39.90 -14.43 19.77
N LYS B 126 39.19 -13.32 19.83
CA LYS B 126 37.76 -13.35 20.08
C LYS B 126 37.03 -14.15 19.00
N ASN B 127 37.31 -13.85 17.74
CA ASN B 127 36.58 -14.45 16.65
C ASN B 127 36.83 -15.95 16.49
N MET B 128 38.03 -16.38 16.81
CA MET B 128 38.36 -17.80 16.66
C MET B 128 37.77 -18.63 17.80
N ILE B 129 37.76 -18.06 19.00
CA ILE B 129 37.28 -18.75 20.16
C ILE B 129 35.76 -18.82 20.17
N THR B 130 35.09 -17.75 19.77
CA THR B 130 33.62 -17.79 19.76
C THR B 130 33.05 -18.64 18.61
N GLY B 131 33.72 -18.64 17.47
CA GLY B 131 33.19 -19.31 16.29
C GLY B 131 32.57 -18.31 15.32
N ALA B 132 32.58 -17.04 15.66
CA ALA B 132 32.14 -15.97 14.75
C ALA B 132 32.92 -16.05 13.44
N ALA B 133 34.11 -16.64 13.52
CA ALA B 133 34.97 -16.83 12.37
C ALA B 133 35.46 -18.29 12.24
N GLN B 134 34.54 -19.27 12.22
CA GLN B 134 34.97 -20.70 12.20
C GLN B 134 35.33 -21.19 10.81
N MET B 135 36.58 -21.63 10.68
CA MET B 135 37.16 -22.00 9.40
C MET B 135 37.20 -23.52 9.23
N ASP B 136 36.99 -23.97 8.00
CA ASP B 136 37.15 -25.37 7.63
C ASP B 136 38.60 -25.59 7.23
N GLY B 137 39.27 -24.50 6.89
CA GLY B 137 40.71 -24.50 6.67
C GLY B 137 41.23 -23.09 6.65
N ALA B 138 42.37 -22.85 7.29
CA ALA B 138 42.92 -21.51 7.43
C ALA B 138 44.16 -21.28 6.54
N ILE B 139 44.30 -20.05 6.05
CA ILE B 139 45.46 -19.67 5.26
C ILE B 139 46.43 -18.86 6.11
N LEU B 140 47.48 -19.50 6.58
CA LEU B 140 48.53 -18.83 7.32
C LEU B 140 49.41 -18.00 6.38
N VAL B 141 49.47 -16.70 6.63
CA VAL B 141 50.31 -15.82 5.84
C VAL B 141 51.58 -15.46 6.60
N CYS B 142 52.71 -15.82 6.01
CA CYS B 142 54.02 -15.54 6.58
C CYS B 142 54.89 -14.94 5.49
N SER B 143 55.82 -14.06 5.84
CA SER B 143 56.63 -13.39 4.81
C SER B 143 58.04 -13.93 4.80
N ALA B 144 58.62 -14.00 3.60
CA ALA B 144 60.02 -14.34 3.46
C ALA B 144 60.86 -13.20 4.05
N ALA B 145 60.42 -11.98 3.81
CA ALA B 145 61.12 -10.78 4.28
C ALA B 145 61.48 -10.84 5.77
N ASP B 146 60.48 -11.01 6.61
CA ASP B 146 60.69 -10.94 8.06
C ASP B 146 60.84 -12.33 8.71
N GLY B 147 60.18 -13.34 8.13
CA GLY B 147 60.12 -14.66 8.73
C GLY B 147 59.12 -14.74 9.88
N PRO B 148 58.95 -15.93 10.49
CA PRO B 148 58.00 -16.14 11.58
C PRO B 148 58.17 -15.17 12.74
N MET B 149 57.06 -14.69 13.28
CA MET B 149 57.10 -13.77 14.42
C MET B 149 56.02 -14.17 15.44
N PRO B 150 56.02 -13.54 16.63
CA PRO B 150 55.20 -14.03 17.75
C PRO B 150 53.76 -14.41 17.38
N GLN B 151 53.01 -13.46 16.81
CA GLN B 151 51.62 -13.71 16.45
C GLN B 151 51.47 -14.78 15.38
N THR B 152 52.59 -15.25 14.81
CA THR B 152 52.56 -16.40 13.91
C THR B 152 52.44 -17.67 14.72
N ARG B 153 53.28 -17.80 15.74
CA ARG B 153 53.22 -18.96 16.63
C ARG B 153 51.85 -19.00 17.28
N GLU B 154 51.42 -17.89 17.87
CA GLU B 154 50.18 -17.86 18.64
C GLU B 154 48.95 -18.28 17.81
N HIS B 155 48.96 -17.96 16.51
CA HIS B 155 47.84 -18.29 15.65
C HIS B 155 47.82 -19.76 15.22
N ILE B 156 48.99 -20.33 14.96
CA ILE B 156 49.06 -21.75 14.66
C ILE B 156 48.59 -22.54 15.87
N LEU B 157 49.10 -22.17 17.04
CA LEU B 157 48.68 -22.77 18.30
C LEU B 157 47.18 -22.62 18.47
N LEU B 158 46.71 -21.39 18.24
CA LEU B 158 45.32 -21.05 18.52
C LEU B 158 44.43 -21.86 17.63
N SER B 159 44.89 -22.11 16.40
CA SER B 159 44.11 -22.89 15.44
C SER B 159 43.96 -24.32 15.93
N ARG B 160 45.03 -24.87 16.51
CA ARG B 160 44.98 -26.23 17.04
C ARG B 160 43.94 -26.33 18.15
N GLN B 161 44.01 -25.39 19.10
CA GLN B 161 43.11 -25.40 20.25
C GLN B 161 41.66 -25.35 19.80
N VAL B 162 41.36 -24.42 18.89
CA VAL B 162 39.99 -24.16 18.45
C VAL B 162 39.46 -25.25 17.52
N GLY B 163 40.31 -26.14 17.04
CA GLY B 163 39.88 -27.28 16.26
C GLY B 163 39.94 -27.08 14.76
N VAL B 164 40.62 -26.04 14.30
CA VAL B 164 40.72 -25.81 12.87
C VAL B 164 41.31 -27.06 12.23
N PRO B 165 40.59 -27.66 11.28
CA PRO B 165 41.05 -28.94 10.75
C PRO B 165 42.36 -28.84 9.97
N TYR B 166 42.41 -27.96 8.97
CA TYR B 166 43.54 -27.93 8.02
C TYR B 166 44.11 -26.52 7.83
N ILE B 167 45.44 -26.44 7.66
CA ILE B 167 46.14 -25.18 7.46
C ILE B 167 46.98 -25.20 6.20
N VAL B 168 46.83 -24.17 5.38
CA VAL B 168 47.60 -23.99 4.15
C VAL B 168 48.43 -22.72 4.29
N VAL B 169 49.67 -22.74 3.79
CA VAL B 169 50.58 -21.60 3.94
C VAL B 169 50.84 -20.84 2.65
N PHE B 170 50.89 -19.52 2.77
CA PHE B 170 51.29 -18.66 1.66
C PHE B 170 52.43 -17.76 2.11
N LEU B 171 53.62 -18.01 1.55
CA LEU B 171 54.80 -17.19 1.85
C LEU B 171 54.81 -15.89 1.05
N ASN B 172 54.42 -14.81 1.71
CA ASN B 172 54.21 -13.52 1.04
C ASN B 172 55.47 -12.65 0.92
N LYS B 173 55.41 -11.65 0.04
CA LYS B 173 56.52 -10.74 -0.14
C LYS B 173 57.75 -11.45 -0.73
N ALA B 174 57.48 -12.44 -1.57
CA ALA B 174 58.53 -13.16 -2.30
C ALA B 174 59.31 -12.22 -3.22
N ASP B 175 58.63 -11.20 -3.72
CA ASP B 175 59.23 -10.19 -4.58
C ASP B 175 60.56 -9.69 -3.99
N LEU B 176 60.63 -9.67 -2.67
CA LEU B 176 61.82 -9.22 -1.97
C LEU B 176 62.73 -10.40 -1.62
N VAL B 177 63.46 -10.90 -2.61
CA VAL B 177 64.36 -12.02 -2.41
C VAL B 177 65.32 -12.19 -3.60
N ALA B 180 67.75 -14.03 -2.30
CA ALA B 180 67.17 -15.36 -2.46
C ALA B 180 67.85 -16.38 -1.54
N GLU B 181 67.34 -17.61 -1.52
CA GLU B 181 67.96 -18.73 -0.79
C GLU B 181 67.39 -18.95 0.61
N LEU B 182 66.75 -17.93 1.17
CA LEU B 182 66.13 -18.05 2.48
C LEU B 182 64.80 -18.79 2.38
N LEU B 183 64.24 -18.87 1.17
CA LEU B 183 62.97 -19.56 0.95
C LEU B 183 63.06 -21.03 1.36
N GLU B 184 64.19 -21.67 1.08
CA GLU B 184 64.43 -23.06 1.51
C GLU B 184 64.41 -23.13 3.04
N LEU B 185 65.20 -22.27 3.66
CA LEU B 185 65.36 -22.24 5.12
C LEU B 185 64.07 -21.86 5.84
N VAL B 186 63.34 -20.88 5.32
CA VAL B 186 62.11 -20.41 5.96
C VAL B 186 61.04 -21.50 5.93
N GLU B 187 60.90 -22.19 4.81
CA GLU B 187 60.00 -23.34 4.73
C GLU B 187 60.37 -24.36 5.81
N MET B 188 61.65 -24.70 5.93
CA MET B 188 62.06 -25.67 6.92
C MET B 188 61.48 -25.27 8.28
N GLU B 189 61.69 -24.01 8.67
CA GLU B 189 61.32 -23.53 10.00
C GLU B 189 59.82 -23.67 10.25
N VAL B 190 59.05 -23.05 9.37
CA VAL B 190 57.60 -23.04 9.50
C VAL B 190 57.03 -24.45 9.53
N ARG B 191 57.50 -25.32 8.63
CA ARG B 191 57.05 -26.71 8.59
C ARG B 191 57.21 -27.36 9.96
N ASP B 192 58.36 -27.19 10.59
CA ASP B 192 58.56 -27.70 11.95
C ASP B 192 57.73 -26.91 12.95
N LEU B 193 57.52 -25.62 12.66
CA LEU B 193 56.71 -24.78 13.54
C LEU B 193 55.30 -25.34 13.60
N LEU B 194 54.77 -25.73 12.44
CA LEU B 194 53.45 -26.37 12.39
C LEU B 194 53.47 -27.72 13.09
N SER B 195 54.43 -28.56 12.71
CA SER B 195 54.57 -29.90 13.27
C SER B 195 54.69 -29.86 14.80
N THR B 196 55.26 -28.78 15.33
CA THR B 196 55.37 -28.59 16.77
C THR B 196 53.98 -28.65 17.43
N TYR B 197 52.95 -28.28 16.68
CA TYR B 197 51.58 -28.24 17.19
C TYR B 197 50.67 -29.27 16.51
N ASP B 198 51.28 -30.31 15.94
CA ASP B 198 50.55 -31.49 15.47
C ASP B 198 49.77 -31.28 14.16
N PHE B 199 50.18 -30.31 13.36
CA PHE B 199 49.72 -30.20 12.00
C PHE B 199 50.76 -30.86 11.09
N PRO B 200 50.32 -31.46 9.97
CA PRO B 200 51.24 -32.18 9.09
C PRO B 200 52.32 -31.28 8.49
N GLY B 201 53.15 -30.67 9.33
CA GLY B 201 54.11 -29.67 8.89
C GLY B 201 55.05 -30.12 7.79
N ASP B 202 55.40 -31.38 7.76
CA ASP B 202 56.29 -31.90 6.72
C ASP B 202 55.51 -32.16 5.42
N ASP B 203 54.23 -32.47 5.54
CA ASP B 203 53.43 -32.82 4.38
C ASP B 203 52.41 -31.71 4.02
N THR B 204 52.68 -30.49 4.47
CA THR B 204 51.76 -29.36 4.28
C THR B 204 52.13 -28.57 3.03
N PRO B 205 51.12 -28.10 2.27
CA PRO B 205 51.41 -27.33 1.06
C PRO B 205 51.89 -25.92 1.35
N ILE B 206 52.89 -25.44 0.62
CA ILE B 206 53.33 -24.06 0.76
C ILE B 206 53.50 -23.37 -0.59
N ILE B 207 52.71 -22.33 -0.81
CA ILE B 207 52.77 -21.54 -2.02
C ILE B 207 53.59 -20.29 -1.76
N ILE B 208 54.42 -19.93 -2.72
CA ILE B 208 55.28 -18.76 -2.59
C ILE B 208 54.91 -17.71 -3.64
N GLY B 209 54.81 -16.46 -3.18
CA GLY B 209 54.47 -15.34 -4.06
C GLY B 209 54.40 -14.01 -3.32
N SER B 210 53.92 -12.98 -4.01
CA SER B 210 53.68 -11.68 -3.39
C SER B 210 52.27 -11.24 -3.70
N ALA B 211 51.46 -11.07 -2.66
CA ALA B 211 50.07 -10.72 -2.84
C ALA B 211 49.93 -9.33 -3.45
N ARG B 212 50.82 -8.40 -3.08
CA ARG B 212 50.71 -7.03 -3.58
C ARG B 212 50.86 -6.99 -5.10
N MET B 213 51.73 -7.84 -5.65
CA MET B 213 51.79 -7.97 -7.11
C MET B 213 50.46 -8.50 -7.59
N ALA B 214 50.10 -9.70 -7.13
CA ALA B 214 48.85 -10.35 -7.53
C ALA B 214 47.68 -9.36 -7.52
N LEU B 215 47.64 -8.52 -6.50
CA LEU B 215 46.59 -7.52 -6.37
C LEU B 215 46.72 -6.45 -7.46
N GLU B 216 47.94 -5.97 -7.68
CA GLU B 216 48.23 -5.07 -8.80
C GLU B 216 48.36 -5.87 -10.09
N GLY B 217 48.48 -7.19 -9.93
CA GLY B 217 49.05 -8.11 -10.90
C GLY B 217 48.86 -7.83 -12.38
N LYS B 218 49.92 -7.43 -13.09
CA LYS B 218 51.29 -7.32 -12.56
C LYS B 218 51.84 -8.64 -11.98
N ASP B 219 51.87 -9.65 -12.83
CA ASP B 219 52.61 -10.88 -12.57
C ASP B 219 53.97 -10.71 -13.24
N ASP B 220 55.04 -10.68 -12.44
CA ASP B 220 56.38 -10.35 -12.94
C ASP B 220 57.19 -11.62 -13.14
N ASN B 221 57.25 -12.44 -12.08
CA ASN B 221 57.72 -13.81 -12.19
C ASN B 221 56.51 -14.72 -12.15
N GLU B 222 56.69 -15.95 -11.71
CA GLU B 222 55.55 -16.82 -11.45
C GLU B 222 54.99 -16.48 -10.06
N MET B 223 55.51 -15.41 -9.46
CA MET B 223 55.25 -15.07 -8.07
C MET B 223 54.00 -14.19 -7.88
N GLY B 224 53.39 -13.74 -8.97
CA GLY B 224 52.25 -12.84 -8.87
C GLY B 224 50.87 -13.50 -8.93
N THR B 225 50.11 -13.15 -9.96
CA THR B 225 48.79 -13.71 -10.20
C THR B 225 48.81 -15.23 -10.17
N THR B 226 49.87 -15.82 -10.71
CA THR B 226 49.98 -17.26 -10.83
C THR B 226 49.94 -17.94 -9.46
N ALA B 227 50.60 -17.33 -8.49
CA ALA B 227 50.75 -17.93 -7.17
C ALA B 227 49.43 -17.92 -6.38
N VAL B 228 48.62 -16.89 -6.60
CA VAL B 228 47.30 -16.83 -5.99
C VAL B 228 46.36 -17.83 -6.67
N LYS B 229 46.39 -17.89 -8.00
CA LYS B 229 45.67 -18.94 -8.71
C LYS B 229 46.08 -20.25 -8.04
N LYS B 230 47.38 -20.37 -7.78
CA LYS B 230 47.94 -21.59 -7.19
C LYS B 230 47.43 -21.84 -5.76
N LEU B 231 47.26 -20.79 -4.99
CA LEU B 231 46.71 -20.90 -3.65
C LEU B 231 45.26 -21.42 -3.68
N VAL B 232 44.45 -20.82 -4.53
CA VAL B 232 43.06 -21.26 -4.71
C VAL B 232 43.01 -22.72 -5.13
N GLU B 233 43.83 -23.07 -6.12
CA GLU B 233 43.94 -24.43 -6.61
C GLU B 233 44.23 -25.38 -5.45
N THR B 234 45.02 -24.90 -4.50
CA THR B 234 45.42 -25.68 -3.33
C THR B 234 44.25 -25.88 -2.37
N LEU B 235 43.43 -24.84 -2.19
CA LEU B 235 42.27 -24.94 -1.33
C LEU B 235 41.31 -25.97 -1.91
N ASP B 236 41.10 -25.88 -3.22
CA ASP B 236 40.27 -26.84 -3.94
C ASP B 236 40.72 -28.27 -3.69
N SER B 237 42.03 -28.45 -3.47
CA SER B 237 42.61 -29.78 -3.41
C SER B 237 42.72 -30.29 -1.97
N TYR B 238 43.31 -29.48 -1.10
CA TYR B 238 43.73 -29.96 0.22
C TYR B 238 42.56 -29.98 1.22
N ILE B 239 41.81 -28.89 1.31
CA ILE B 239 40.67 -28.84 2.22
C ILE B 239 39.53 -29.65 1.65
N PRO B 240 39.12 -30.71 2.35
CA PRO B 240 38.00 -31.54 1.88
C PRO B 240 36.67 -30.85 2.03
N GLU B 241 35.71 -31.16 1.17
CA GLU B 241 34.37 -30.62 1.31
C GLU B 241 33.85 -30.95 2.72
N PRO B 242 33.42 -29.92 3.46
CA PRO B 242 32.97 -30.14 4.85
C PRO B 242 31.60 -30.82 4.94
N VAL B 243 31.36 -31.53 6.05
CA VAL B 243 30.13 -32.28 6.22
C VAL B 243 29.00 -31.40 6.77
N ARG B 244 27.92 -31.25 6.01
CA ARG B 244 26.80 -30.39 6.40
C ARG B 244 26.12 -30.85 7.69
N ALA B 245 25.64 -29.91 8.50
CA ALA B 245 25.00 -30.27 9.78
C ALA B 245 23.98 -31.41 9.62
N ILE B 246 23.23 -31.38 8.53
CA ILE B 246 22.14 -32.33 8.37
C ILE B 246 22.66 -33.74 8.02
N ASP B 247 23.93 -33.82 7.63
CA ASP B 247 24.54 -35.10 7.31
C ASP B 247 25.33 -35.67 8.50
N GLN B 248 25.20 -35.03 9.66
CA GLN B 248 25.91 -35.51 10.85
C GLN B 248 24.99 -36.33 11.73
N PRO B 249 25.56 -37.03 12.71
CA PRO B 249 24.76 -37.87 13.61
C PRO B 249 23.75 -37.00 14.36
N PHE B 250 22.57 -37.53 14.60
CA PHE B 250 21.55 -36.75 15.27
C PHE B 250 22.03 -36.22 16.62
N LEU B 251 21.58 -35.01 16.93
CA LEU B 251 21.84 -34.41 18.24
C LEU B 251 20.83 -33.30 18.49
N MET B 252 20.27 -33.28 19.70
CA MET B 252 19.34 -32.24 20.08
C MET B 252 19.44 -31.96 21.57
N PRO B 253 19.82 -30.74 21.93
CA PRO B 253 19.82 -30.42 23.37
C PRO B 253 18.42 -30.21 23.91
N ILE B 254 18.11 -30.81 25.04
CA ILE B 254 16.75 -30.81 25.57
C ILE B 254 16.42 -29.55 26.36
N GLU B 255 15.32 -28.89 26.00
CA GLU B 255 14.85 -27.71 26.74
C GLU B 255 13.74 -28.04 27.77
N ASP B 256 12.52 -28.28 27.32
CA ASP B 256 11.42 -28.64 28.21
C ASP B 256 11.10 -30.13 28.15
N VAL B 257 10.39 -30.60 29.17
CA VAL B 257 9.92 -31.99 29.23
C VAL B 257 8.45 -32.04 29.64
N PHE B 258 7.60 -32.51 28.75
CA PHE B 258 6.17 -32.53 28.98
C PHE B 258 5.64 -33.95 28.90
N SER B 259 4.37 -34.09 29.22
CA SER B 259 3.66 -35.32 28.99
C SER B 259 2.30 -34.88 28.47
N ILE B 260 2.07 -35.09 27.17
CA ILE B 260 0.78 -34.75 26.57
C ILE B 260 -0.18 -35.91 26.79
N SER B 261 -1.32 -35.59 27.38
CA SER B 261 -2.29 -36.59 27.82
C SER B 261 -2.63 -37.57 26.70
N GLY B 262 -2.07 -38.77 26.79
CA GLY B 262 -2.48 -39.87 25.93
C GLY B 262 -1.43 -40.35 24.95
N ARG B 263 -0.40 -39.55 24.71
CA ARG B 263 0.58 -39.89 23.67
C ARG B 263 2.01 -40.07 24.19
N GLY B 264 2.19 -39.96 25.51
CA GLY B 264 3.47 -40.27 26.12
C GLY B 264 4.28 -39.03 26.46
N THR B 265 5.59 -39.23 26.67
CA THR B 265 6.48 -38.17 27.12
C THR B 265 7.17 -37.45 25.96
N VAL B 266 7.26 -36.13 26.05
CA VAL B 266 7.82 -35.29 24.98
C VAL B 266 8.99 -34.43 25.47
N VAL B 267 10.03 -34.35 24.65
CA VAL B 267 11.11 -33.44 24.98
C VAL B 267 11.24 -32.49 23.81
N THR B 268 11.48 -31.22 24.10
CA THR B 268 11.52 -30.23 23.04
C THR B 268 12.90 -29.61 22.94
N GLY B 269 13.14 -28.97 21.82
CA GLY B 269 14.39 -28.26 21.58
C GLY B 269 14.53 -27.92 20.11
N ARG B 270 15.68 -27.33 19.76
CA ARG B 270 16.03 -27.07 18.37
C ARG B 270 17.10 -28.07 17.96
N ILE B 271 16.85 -28.84 16.92
CA ILE B 271 17.79 -29.87 16.51
C ILE B 271 19.11 -29.24 16.02
N GLU B 272 20.24 -29.63 16.62
CA GLU B 272 21.51 -29.02 16.26
C GLU B 272 22.06 -29.61 14.96
N ARG B 273 21.91 -30.92 14.79
CA ARG B 273 22.47 -31.54 13.62
C ARG B 273 21.82 -32.90 13.36
N GLY B 274 21.81 -33.30 12.10
CA GLY B 274 21.28 -34.60 11.74
C GLY B 274 19.77 -34.63 11.63
N ILE B 275 19.25 -35.85 11.58
CA ILE B 275 17.84 -36.07 11.37
C ILE B 275 17.39 -37.17 12.31
N VAL B 276 16.23 -37.00 12.93
CA VAL B 276 15.62 -38.06 13.72
C VAL B 276 14.31 -38.50 13.02
N ARG B 277 14.15 -39.81 12.84
CA ARG B 277 12.94 -40.34 12.20
C ARG B 277 12.19 -41.19 13.20
N VAL B 278 10.91 -41.41 12.96
CA VAL B 278 10.13 -42.26 13.85
C VAL B 278 10.75 -43.65 13.94
N GLN B 279 10.77 -44.18 15.16
CA GLN B 279 11.31 -45.52 15.44
C GLN B 279 12.83 -45.56 15.29
N ASP B 280 13.48 -44.41 15.43
CA ASP B 280 14.93 -44.37 15.53
C ASP B 280 15.34 -44.67 16.99
N PRO B 281 16.37 -45.50 17.18
CA PRO B 281 16.91 -45.66 18.55
C PRO B 281 17.60 -44.38 18.97
N LEU B 282 17.62 -44.09 20.27
CA LEU B 282 18.26 -42.88 20.78
C LEU B 282 18.84 -43.08 22.18
N GLU B 283 19.92 -42.36 22.47
CA GLU B 283 20.42 -42.25 23.84
C GLU B 283 20.15 -40.85 24.41
N ILE B 284 19.93 -40.79 25.71
CA ILE B 284 19.85 -39.53 26.44
C ILE B 284 21.13 -39.42 27.25
N VAL B 285 21.94 -38.42 26.95
CA VAL B 285 23.30 -38.34 27.47
C VAL B 285 23.55 -37.05 28.24
N GLY B 286 23.96 -37.18 29.50
CA GLY B 286 24.35 -36.04 30.33
C GLY B 286 23.71 -35.91 31.71
N LEU B 287 24.46 -35.29 32.63
CA LEU B 287 23.99 -34.96 33.97
C LEU B 287 23.50 -36.16 34.80
N ARG B 288 23.60 -37.35 34.21
CA ARG B 288 22.92 -38.53 34.73
C ARG B 288 23.40 -39.68 33.88
N ASP B 289 23.20 -40.90 34.35
CA ASP B 289 23.67 -42.07 33.62
C ASP B 289 22.93 -42.19 32.29
N THR B 290 23.68 -42.56 31.26
CA THR B 290 23.13 -42.59 29.91
C THR B 290 21.96 -43.59 29.85
N THR B 291 20.98 -43.26 29.02
CA THR B 291 19.75 -44.04 28.89
C THR B 291 19.40 -44.23 27.43
N THR B 292 18.67 -45.30 27.13
CA THR B 292 18.22 -45.53 25.76
C THR B 292 16.72 -45.34 25.62
N THR B 293 16.26 -45.22 24.39
CA THR B 293 14.86 -44.96 24.09
C THR B 293 14.63 -44.99 22.58
N THR B 294 13.36 -45.01 22.19
CA THR B 294 12.99 -44.93 20.78
C THR B 294 12.16 -43.68 20.54
N CYS B 295 12.35 -43.05 19.39
CA CYS B 295 11.49 -41.95 18.99
C CYS B 295 10.17 -42.47 18.44
N THR B 296 9.06 -42.05 19.02
CA THR B 296 7.77 -42.55 18.56
C THR B 296 6.98 -41.48 17.81
N GLY B 297 7.61 -40.34 17.56
CA GLY B 297 6.95 -39.26 16.84
C GLY B 297 7.65 -37.93 16.95
N VAL B 298 7.37 -37.06 16.00
CA VAL B 298 7.91 -35.71 16.00
C VAL B 298 6.77 -34.75 15.81
N GLU B 299 6.68 -33.73 16.64
CA GLU B 299 5.60 -32.75 16.52
C GLU B 299 6.11 -31.34 16.40
N MET B 300 5.34 -30.54 15.70
CA MET B 300 5.75 -29.20 15.32
C MET B 300 4.50 -28.42 14.96
N PHE B 301 4.18 -27.39 15.73
CA PHE B 301 3.04 -26.58 15.37
C PHE B 301 1.81 -27.45 15.24
N ARG B 302 1.65 -28.38 16.18
CA ARG B 302 0.50 -29.27 16.23
C ARG B 302 0.33 -30.18 15.00
N LYS B 303 1.32 -30.21 14.13
CA LYS B 303 1.32 -31.12 12.98
C LYS B 303 2.21 -32.31 13.35
N LEU B 304 1.85 -33.51 12.91
CA LEU B 304 2.69 -34.70 13.14
C LEU B 304 3.59 -34.96 11.95
N LEU B 305 4.90 -35.01 12.17
CA LEU B 305 5.86 -35.29 11.12
C LEU B 305 6.44 -36.67 11.31
N ASP B 306 7.00 -37.23 10.25
CA ASP B 306 7.68 -38.53 10.30
C ASP B 306 9.16 -38.40 10.64
N GLU B 307 9.71 -37.18 10.53
CA GLU B 307 11.12 -36.93 10.85
C GLU B 307 11.38 -35.47 11.23
N GLY B 308 12.36 -35.26 12.10
CA GLY B 308 12.78 -33.91 12.48
C GLY B 308 14.14 -33.60 11.91
N ARG B 309 14.33 -32.36 11.48
CA ARG B 309 15.57 -32.00 10.80
C ARG B 309 16.36 -30.85 11.43
N ALA B 310 17.68 -31.00 11.36
CA ALA B 310 18.60 -29.98 11.81
C ALA B 310 18.06 -28.60 11.53
N GLY B 311 17.96 -27.79 12.56
CA GLY B 311 17.54 -26.42 12.44
C GLY B 311 16.13 -26.28 12.94
N GLU B 312 15.37 -27.38 12.96
CA GLU B 312 13.95 -27.31 13.33
C GLU B 312 13.69 -27.31 14.83
N ASN B 313 12.81 -26.43 15.28
CA ASN B 313 12.34 -26.50 16.66
C ASN B 313 11.14 -27.39 16.73
N CYS B 314 11.26 -28.48 17.48
CA CYS B 314 10.17 -29.44 17.54
C CYS B 314 10.10 -30.14 18.89
N GLY B 315 9.07 -30.96 19.04
CA GLY B 315 8.97 -31.87 20.17
C GLY B 315 9.20 -33.30 19.72
N VAL B 316 10.03 -34.05 20.45
CA VAL B 316 10.24 -35.47 20.14
C VAL B 316 9.61 -36.36 21.19
N LEU B 317 8.82 -37.33 20.71
CA LEU B 317 8.10 -38.31 21.56
C LEU B 317 8.93 -39.56 21.81
N LEU B 318 9.04 -39.95 23.07
CA LEU B 318 9.85 -41.09 23.44
C LEU B 318 8.96 -42.29 23.79
N ARG B 319 9.57 -43.46 23.83
CA ARG B 319 8.86 -44.67 24.16
C ARG B 319 9.23 -45.04 25.57
N GLY B 320 8.22 -45.05 26.45
CA GLY B 320 8.41 -45.53 27.81
C GLY B 320 9.01 -44.51 28.74
N THR B 321 10.01 -43.78 28.25
CA THR B 321 10.74 -42.84 29.09
C THR B 321 9.81 -41.99 29.94
N LYS B 322 9.98 -42.04 31.25
CA LYS B 322 9.15 -41.26 32.18
C LYS B 322 9.57 -39.78 32.24
N ARG B 323 8.61 -38.89 32.54
CA ARG B 323 8.87 -37.45 32.54
C ARG B 323 9.99 -37.08 33.50
N ASP B 324 10.16 -37.87 34.56
CA ASP B 324 11.17 -37.61 35.58
C ASP B 324 12.50 -38.28 35.28
N ASP B 325 12.55 -39.05 34.19
CA ASP B 325 13.77 -39.74 33.78
C ASP B 325 14.58 -38.96 32.76
N VAL B 326 14.27 -37.67 32.65
CA VAL B 326 14.91 -36.84 31.65
C VAL B 326 14.74 -35.38 32.05
N GLU B 327 15.76 -34.58 31.78
CA GLU B 327 15.75 -33.19 32.16
C GLU B 327 16.52 -32.31 31.20
N ARG B 328 16.19 -31.02 31.28
CA ARG B 328 16.93 -29.98 30.59
C ARG B 328 18.44 -30.17 30.72
N GLY B 329 19.18 -29.87 29.67
CA GLY B 329 20.63 -30.00 29.69
C GLY B 329 21.14 -31.25 29.00
N GLN B 330 20.36 -32.33 29.04
CA GLN B 330 20.78 -33.57 28.42
C GLN B 330 20.69 -33.39 26.91
N VAL B 331 21.33 -34.27 26.13
CA VAL B 331 21.14 -34.26 24.69
C VAL B 331 20.56 -35.58 24.18
N LEU B 332 19.66 -35.47 23.22
CA LEU B 332 19.05 -36.61 22.58
C LEU B 332 19.97 -36.95 21.41
N VAL B 333 20.43 -38.19 21.33
CA VAL B 333 21.58 -38.49 20.49
C VAL B 333 21.49 -39.83 19.76
N LYS B 334 22.07 -39.88 18.57
CA LYS B 334 22.29 -41.15 17.89
C LYS B 334 23.27 -41.95 18.74
N PRO B 335 22.91 -43.19 19.10
CA PRO B 335 23.67 -44.00 20.08
C PRO B 335 25.17 -44.11 19.79
N GLY B 336 25.98 -43.98 20.84
CA GLY B 336 27.43 -44.04 20.70
C GLY B 336 28.03 -42.92 19.85
N SER B 337 27.26 -41.86 19.65
CA SER B 337 27.69 -40.76 18.82
C SER B 337 28.46 -39.74 19.65
N VAL B 338 28.00 -39.52 20.88
CA VAL B 338 28.62 -38.55 21.79
C VAL B 338 28.64 -39.19 23.17
N LYS B 339 29.67 -38.92 23.96
CA LYS B 339 29.76 -39.52 25.29
C LYS B 339 29.72 -38.48 26.41
N PRO B 340 29.40 -38.92 27.63
CA PRO B 340 29.46 -38.05 28.82
C PRO B 340 30.90 -37.74 29.25
N HIS B 341 31.16 -36.49 29.64
CA HIS B 341 32.50 -36.12 30.07
C HIS B 341 32.47 -35.06 31.16
N THR B 342 33.60 -34.92 31.85
CA THR B 342 33.68 -34.04 33.00
C THR B 342 34.93 -33.13 33.08
N LYS B 343 36.10 -33.64 32.66
CA LYS B 343 37.34 -32.85 32.73
C LYS B 343 37.90 -32.60 31.32
N PHE B 344 38.23 -31.35 31.03
CA PHE B 344 38.70 -31.00 29.69
C PHE B 344 39.58 -29.78 29.74
N THR B 345 40.41 -29.64 28.71
CA THR B 345 41.21 -28.43 28.51
C THR B 345 40.42 -27.52 27.57
N ALA B 346 40.47 -26.21 27.84
CA ALA B 346 39.63 -25.27 27.10
C ALA B 346 40.31 -23.92 26.86
N GLU B 347 40.24 -23.41 25.62
CA GLU B 347 40.63 -22.03 25.36
C GLU B 347 39.49 -21.08 25.74
N VAL B 348 39.78 -20.07 26.55
CA VAL B 348 38.73 -19.15 26.99
C VAL B 348 39.08 -17.69 26.77
N TYR B 349 38.08 -16.91 26.37
CA TYR B 349 38.18 -15.47 26.31
C TYR B 349 37.33 -14.85 27.41
N VAL B 350 37.94 -14.07 28.29
CA VAL B 350 37.19 -13.37 29.33
C VAL B 350 36.69 -12.03 28.80
N LEU B 351 35.40 -11.78 28.95
CA LEU B 351 34.81 -10.56 28.43
C LEU B 351 35.35 -9.32 29.14
N SER B 352 35.45 -8.24 28.38
CA SER B 352 35.84 -6.93 28.89
C SER B 352 34.76 -6.37 29.79
N LYS B 353 35.15 -5.44 30.66
CA LYS B 353 34.17 -4.68 31.40
C LYS B 353 33.15 -4.13 30.40
N GLU B 354 33.66 -3.48 29.34
CA GLU B 354 32.81 -2.78 28.37
C GLU B 354 31.82 -3.71 27.65
N GLU B 355 32.11 -5.02 27.66
CA GLU B 355 31.27 -5.98 26.94
C GLU B 355 30.29 -6.72 27.86
N GLY B 356 30.18 -6.25 29.10
CA GLY B 356 29.25 -6.83 30.05
C GLY B 356 29.92 -7.83 30.98
N GLY B 357 31.24 -7.94 30.86
CA GLY B 357 32.00 -8.89 31.66
C GLY B 357 32.33 -8.33 33.02
N ARG B 358 33.26 -9.00 33.69
CA ARG B 358 33.64 -8.64 35.06
C ARG B 358 34.36 -7.28 35.12
N HIS B 359 34.18 -6.57 36.22
CA HIS B 359 34.86 -5.30 36.43
C HIS B 359 36.22 -5.52 37.09
N THR B 360 36.48 -6.75 37.50
CA THR B 360 37.68 -7.09 38.24
C THR B 360 38.17 -8.48 37.83
N PRO B 361 39.49 -8.72 37.96
CA PRO B 361 40.08 -10.01 37.58
C PRO B 361 39.53 -11.15 38.43
N PHE B 362 40.13 -12.34 38.28
CA PHE B 362 39.85 -13.45 39.20
C PHE B 362 41.10 -14.33 39.35
N PHE B 363 41.04 -15.33 40.22
CA PHE B 363 42.21 -16.15 40.53
C PHE B 363 41.87 -17.60 40.78
N LYS B 364 42.91 -18.38 41.07
CA LYS B 364 42.78 -19.81 41.35
C LYS B 364 41.50 -20.09 42.13
N GLY B 365 40.88 -21.24 41.85
CA GLY B 365 39.70 -21.64 42.57
C GLY B 365 38.46 -20.88 42.15
N TYR B 366 38.50 -20.30 40.95
CA TYR B 366 37.32 -19.67 40.37
C TYR B 366 36.36 -20.78 40.04
N ARG B 367 35.18 -20.77 40.67
CA ARG B 367 34.16 -21.77 40.37
C ARG B 367 32.91 -21.12 39.77
N PRO B 368 32.94 -20.88 38.46
CA PRO B 368 31.80 -20.23 37.84
C PRO B 368 30.87 -21.25 37.22
N GLN B 369 29.88 -20.75 36.49
CA GLN B 369 28.95 -21.60 35.78
C GLN B 369 29.38 -21.76 34.32
N PHE B 370 29.37 -23.00 33.85
CA PHE B 370 29.68 -23.31 32.46
C PHE B 370 28.41 -23.70 31.69
N TYR B 371 28.04 -22.88 30.71
CA TYR B 371 26.77 -23.07 30.01
C TYR B 371 27.00 -23.88 28.74
N PHE B 372 26.47 -25.11 28.74
CA PHE B 372 26.66 -26.02 27.62
C PHE B 372 25.35 -26.30 26.95
N ARG B 373 25.13 -25.59 25.84
CA ARG B 373 23.92 -25.71 25.03
C ARG B 373 22.65 -25.18 25.67
N THR B 374 22.15 -25.89 26.68
CA THR B 374 20.85 -25.56 27.26
C THR B 374 20.83 -25.51 28.79
N THR B 375 21.96 -25.77 29.44
CA THR B 375 21.99 -25.71 30.92
C THR B 375 23.33 -25.28 31.56
N ASP B 376 23.26 -24.86 32.83
CA ASP B 376 24.44 -24.49 33.62
C ASP B 376 25.06 -25.70 34.30
N VAL B 377 26.36 -25.66 34.51
CA VAL B 377 27.05 -26.62 35.40
C VAL B 377 28.30 -25.97 35.98
N THR B 378 28.50 -26.15 37.28
CA THR B 378 29.65 -25.54 37.97
C THR B 378 30.96 -26.26 37.62
N GLY B 379 32.04 -25.50 37.50
CA GLY B 379 33.35 -26.08 37.25
C GLY B 379 34.52 -25.46 37.99
N ASN B 380 35.47 -26.31 38.38
CA ASN B 380 36.73 -25.84 38.94
C ASN B 380 37.68 -25.51 37.82
N CYS B 381 38.43 -24.44 37.99
CA CYS B 381 39.38 -23.99 36.99
C CYS B 381 40.82 -24.17 37.44
N GLU B 382 41.64 -24.65 36.51
CA GLU B 382 43.03 -24.99 36.77
C GLU B 382 43.91 -24.30 35.73
N LEU B 383 44.59 -23.24 36.14
CA LEU B 383 45.41 -22.43 35.23
C LEU B 383 46.81 -23.01 35.11
N PRO B 384 47.54 -22.62 34.06
CA PRO B 384 48.94 -23.08 33.88
C PRO B 384 49.86 -22.54 34.98
N GLU B 385 51.07 -23.07 35.11
CA GLU B 385 51.98 -22.60 36.15
C GLU B 385 52.36 -21.14 35.90
N GLY B 386 52.68 -20.42 36.98
CA GLY B 386 53.09 -19.03 36.87
C GLY B 386 51.94 -18.06 36.72
N VAL B 387 50.73 -18.59 36.57
CA VAL B 387 49.57 -17.75 36.30
C VAL B 387 48.76 -17.57 37.57
N GLU B 388 48.69 -16.32 38.02
CA GLU B 388 48.03 -15.99 39.27
C GLU B 388 46.73 -15.25 39.01
N MET B 389 46.77 -14.24 38.14
CA MET B 389 45.61 -13.40 37.87
C MET B 389 45.09 -13.62 36.44
N VAL B 390 43.85 -13.16 36.18
CA VAL B 390 43.32 -13.10 34.82
C VAL B 390 42.46 -11.85 34.61
N MET B 391 42.85 -11.04 33.62
CA MET B 391 42.26 -9.72 33.42
C MET B 391 41.11 -9.76 32.43
N PRO B 392 40.01 -9.04 32.73
CA PRO B 392 38.87 -8.93 31.81
C PRO B 392 39.32 -8.44 30.44
N GLY B 393 39.08 -9.22 29.40
CA GLY B 393 39.56 -8.91 28.07
C GLY B 393 40.77 -9.76 27.67
N ASP B 394 41.31 -10.51 28.62
CA ASP B 394 42.46 -11.37 28.36
C ASP B 394 41.93 -12.75 27.98
N ASN B 395 42.79 -13.59 27.42
CA ASN B 395 42.43 -14.97 27.06
C ASN B 395 43.52 -15.92 27.50
N ILE B 396 43.15 -17.09 27.99
CA ILE B 396 44.09 -18.06 28.52
C ILE B 396 43.52 -19.46 28.45
N GLN B 397 44.39 -20.45 28.60
CA GLN B 397 43.98 -21.84 28.60
C GLN B 397 43.82 -22.32 30.03
N MET B 398 42.83 -23.17 30.27
CA MET B 398 42.62 -23.74 31.59
C MET B 398 42.15 -25.18 31.51
N THR B 399 42.26 -25.90 32.63
CA THR B 399 41.76 -27.26 32.72
C THR B 399 40.54 -27.24 33.65
N VAL B 400 39.36 -27.51 33.08
CA VAL B 400 38.10 -27.41 33.82
C VAL B 400 37.62 -28.78 34.26
N THR B 401 37.14 -28.85 35.49
CA THR B 401 36.54 -30.07 36.04
C THR B 401 35.12 -29.77 36.56
N LEU B 402 34.12 -30.37 35.89
CA LEU B 402 32.70 -30.11 36.15
C LEU B 402 32.12 -30.95 37.28
N ILE B 403 31.17 -30.38 38.02
CA ILE B 403 30.54 -31.08 39.16
C ILE B 403 29.74 -32.29 38.69
N LYS B 404 29.06 -32.13 37.54
CA LYS B 404 28.29 -33.18 36.92
C LYS B 404 28.88 -33.49 35.54
N THR B 405 28.41 -34.57 34.94
CA THR B 405 28.85 -34.95 33.59
C THR B 405 27.98 -34.29 32.52
N ILE B 406 28.59 -33.88 31.41
CA ILE B 406 27.86 -33.26 30.28
C ILE B 406 28.27 -33.86 28.95
N ALA B 407 27.35 -33.86 28.00
CA ALA B 407 27.67 -34.38 26.68
C ALA B 407 28.58 -33.38 26.00
N MET B 408 29.78 -33.80 25.63
CA MET B 408 30.65 -32.90 24.90
C MET B 408 31.56 -33.60 23.90
N GLU B 409 32.06 -32.83 22.95
CA GLU B 409 33.09 -33.29 22.02
C GLU B 409 34.13 -32.18 21.91
N ASP B 410 35.35 -32.51 21.51
CA ASP B 410 36.32 -31.48 21.15
C ASP B 410 35.63 -30.49 20.21
N GLY B 411 35.83 -29.20 20.46
CA GLY B 411 35.31 -28.18 19.57
C GLY B 411 33.95 -27.64 19.95
N LEU B 412 33.36 -28.18 21.01
CA LEU B 412 32.11 -27.63 21.53
C LEU B 412 32.33 -26.22 22.14
N ARG B 413 31.56 -25.25 21.69
CA ARG B 413 31.58 -23.92 22.30
C ARG B 413 30.75 -23.94 23.58
N PHE B 414 31.15 -23.14 24.55
CA PHE B 414 30.37 -22.95 25.79
C PHE B 414 30.52 -21.50 26.27
N ALA B 415 29.60 -21.07 27.11
CA ALA B 415 29.73 -19.77 27.77
C ALA B 415 30.08 -19.99 29.23
N ILE B 416 30.77 -19.01 29.82
CA ILE B 416 31.04 -18.97 31.25
C ILE B 416 30.19 -17.87 31.86
N ARG B 417 29.49 -18.18 32.94
CA ARG B 417 28.59 -17.22 33.56
C ARG B 417 28.78 -17.12 35.07
N GLU B 418 28.82 -15.88 35.56
CA GLU B 418 28.89 -15.62 36.99
C GLU B 418 27.59 -14.91 37.33
N GLY B 419 26.59 -15.69 37.70
CA GLY B 419 25.34 -15.13 38.16
C GLY B 419 24.51 -14.64 36.99
N GLY B 420 24.14 -15.58 36.12
CA GLY B 420 23.23 -15.25 35.04
C GLY B 420 23.88 -14.67 33.79
N ARG B 421 24.75 -13.66 33.95
CA ARG B 421 25.33 -12.95 32.81
C ARG B 421 26.65 -13.55 32.33
N THR B 422 26.85 -13.50 31.01
CA THR B 422 28.05 -14.03 30.38
C THR B 422 29.27 -13.19 30.75
N VAL B 423 30.36 -13.85 31.13
CA VAL B 423 31.60 -13.16 31.48
C VAL B 423 32.80 -13.78 30.77
N GLY B 424 32.55 -14.79 29.95
CA GLY B 424 33.61 -15.42 29.18
C GLY B 424 33.05 -16.34 28.11
N ALA B 425 33.84 -16.64 27.10
CA ALA B 425 33.40 -17.56 26.07
C ALA B 425 34.56 -18.49 25.76
N GLY B 426 34.29 -19.79 25.72
CA GLY B 426 35.37 -20.74 25.54
C GLY B 426 35.04 -21.82 24.53
N VAL B 427 36.00 -22.70 24.30
CA VAL B 427 35.80 -23.79 23.35
C VAL B 427 36.57 -24.97 23.88
N VAL B 428 36.05 -26.18 23.70
CA VAL B 428 36.71 -27.36 24.26
C VAL B 428 37.87 -27.80 23.37
N ALA B 429 39.04 -27.96 23.98
CA ALA B 429 40.25 -28.28 23.22
C ALA B 429 40.56 -29.77 23.21
N LYS B 430 40.70 -30.36 24.39
CA LYS B 430 41.03 -31.78 24.49
C LYS B 430 40.26 -32.40 25.65
N ILE B 431 39.49 -33.44 25.37
CA ILE B 431 38.77 -34.19 26.43
C ILE B 431 39.77 -35.05 27.19
N ILE B 432 39.68 -35.04 28.52
CA ILE B 432 40.60 -35.80 29.36
C ILE B 432 39.90 -36.96 30.08
N GLU B 433 38.85 -36.65 30.83
CA GLU B 433 38.10 -37.67 31.55
C GLU B 433 36.60 -37.52 31.32
N LEU C 46 -5.72 31.43 -19.12
CA LEU C 46 -6.54 31.17 -17.95
C LEU C 46 -8.03 31.19 -18.28
N PRO C 47 -8.50 32.27 -18.96
CA PRO C 47 -9.92 32.43 -19.32
C PRO C 47 -10.48 31.22 -20.06
N HIS C 48 -11.71 30.81 -19.76
CA HIS C 48 -12.25 29.59 -20.34
C HIS C 48 -13.17 29.87 -21.52
N VAL C 49 -13.02 29.09 -22.58
CA VAL C 49 -13.80 29.28 -23.81
C VAL C 49 -14.23 27.95 -24.40
N ASN C 50 -15.54 27.80 -24.62
CA ASN C 50 -16.08 26.61 -25.28
C ASN C 50 -16.17 26.77 -26.80
N VAL C 51 -15.37 25.98 -27.51
CA VAL C 51 -15.48 25.93 -28.97
C VAL C 51 -15.75 24.52 -29.50
N GLY C 52 -16.17 24.44 -30.76
CA GLY C 52 -16.37 23.14 -31.40
C GLY C 52 -16.28 23.26 -32.92
N THR C 53 -16.05 22.13 -33.58
CA THR C 53 -16.09 22.09 -35.04
C THR C 53 -17.49 21.76 -35.52
N ILE C 54 -17.89 22.39 -36.61
CA ILE C 54 -19.10 21.98 -37.27
C ILE C 54 -18.82 22.04 -38.76
N GLY C 55 -19.58 21.28 -39.51
CA GLY C 55 -19.50 21.34 -40.95
C GLY C 55 -19.96 20.02 -41.53
N HIS C 56 -19.71 19.83 -42.82
CA HIS C 56 -20.15 18.62 -43.49
C HIS C 56 -19.21 17.46 -43.19
N VAL C 57 -19.67 16.23 -43.41
CA VAL C 57 -18.84 15.06 -43.16
C VAL C 57 -17.62 15.04 -44.09
N ASP C 58 -16.51 14.51 -43.57
CA ASP C 58 -15.32 14.30 -44.37
C ASP C 58 -14.60 15.59 -44.72
N HIS C 59 -15.16 16.73 -44.30
CA HIS C 59 -14.51 18.00 -44.58
C HIS C 59 -13.35 18.31 -43.64
N GLY C 60 -13.12 17.43 -42.67
CA GLY C 60 -11.91 17.53 -41.85
C GLY C 60 -12.11 18.16 -40.49
N LYS C 61 -13.32 18.12 -39.95
CA LYS C 61 -13.54 18.62 -38.61
C LYS C 61 -12.65 17.87 -37.62
N THR C 62 -12.62 16.54 -37.76
CA THR C 62 -11.92 15.71 -36.80
C THR C 62 -10.43 15.87 -36.96
N THR C 63 -9.97 15.97 -38.20
CA THR C 63 -8.55 16.21 -38.46
C THR C 63 -8.15 17.58 -37.92
N LEU C 64 -8.97 18.60 -38.17
CA LEU C 64 -8.64 19.93 -37.69
C LEU C 64 -8.53 19.92 -36.17
N THR C 65 -9.36 19.12 -35.49
CA THR C 65 -9.35 19.06 -34.03
C THR C 65 -8.02 18.53 -33.50
N ALA C 66 -7.55 17.42 -34.04
CA ALA C 66 -6.27 16.84 -33.64
C ALA C 66 -5.10 17.76 -34.01
N ALA C 67 -5.28 18.55 -35.07
CA ALA C 67 -4.27 19.50 -35.50
C ALA C 67 -4.14 20.65 -34.50
N LEU C 68 -5.25 21.06 -33.91
CA LEU C 68 -5.25 22.16 -32.97
C LEU C 68 -4.43 21.79 -31.74
N THR C 69 -4.60 20.58 -31.24
CA THR C 69 -3.84 20.12 -30.08
C THR C 69 -2.34 19.97 -30.39
N ARG C 70 -2.01 19.50 -31.58
CA ARG C 70 -0.61 19.34 -31.96
C ARG C 70 0.05 20.70 -32.22
N VAL C 71 -0.69 21.68 -32.72
CA VAL C 71 -0.10 22.97 -33.04
C VAL C 71 0.10 23.82 -31.76
N CYS C 72 -0.86 23.80 -30.85
CA CYS C 72 -0.79 24.61 -29.62
C CYS C 72 0.29 24.17 -28.64
N SER C 73 0.60 22.88 -28.64
CA SER C 73 1.64 22.35 -27.76
C SER C 73 3.02 22.75 -28.30
N GLU C 74 3.05 23.14 -29.58
CA GLU C 74 4.31 23.50 -30.24
C GLU C 74 4.49 25.01 -30.33
N VAL C 75 3.41 25.73 -30.66
CA VAL C 75 3.50 27.16 -30.96
C VAL C 75 3.24 28.04 -29.73
N PHE C 76 2.30 27.65 -28.87
CA PHE C 76 2.02 28.38 -27.63
C PHE C 76 2.39 27.49 -26.44
N GLY C 77 2.04 27.94 -25.24
CA GLY C 77 2.26 27.16 -24.03
C GLY C 77 1.35 25.96 -23.98
N LYS C 85 -7.58 10.62 -19.73
CA LYS C 85 -7.38 9.20 -19.52
C LYS C 85 -8.73 8.49 -19.48
N ILE C 86 -8.77 7.30 -18.90
CA ILE C 86 -10.02 6.59 -18.68
C ILE C 86 -10.59 7.01 -17.32
N ASP C 87 -11.91 7.12 -17.24
CA ASP C 87 -12.56 7.47 -15.99
C ASP C 87 -12.97 6.17 -15.31
N SER C 88 -12.47 5.91 -14.10
CA SER C 88 -12.76 4.67 -13.40
C SER C 88 -14.08 4.66 -12.62
N ALA C 89 -14.81 5.77 -12.62
CA ALA C 89 -16.01 5.85 -11.80
C ALA C 89 -17.03 4.77 -12.18
N PRO C 90 -17.83 4.31 -11.20
CA PRO C 90 -18.78 3.23 -11.51
C PRO C 90 -19.82 3.67 -12.54
N GLU C 91 -20.04 2.80 -13.52
CA GLU C 91 -21.09 2.97 -14.51
C GLU C 91 -22.36 3.54 -13.88
N GLU C 92 -23.16 4.28 -14.66
CA GLU C 92 -24.43 4.82 -14.16
C GLU C 92 -25.64 4.09 -14.76
N LYS C 93 -26.83 4.43 -14.30
CA LYS C 93 -28.02 3.65 -14.67
C LYS C 93 -28.37 3.70 -16.17
N ALA C 94 -28.63 4.88 -16.72
CA ALA C 94 -28.87 4.96 -18.16
C ALA C 94 -28.27 6.23 -18.76
N GLY C 96 -30.39 7.26 -21.55
CA GLY C 96 -30.87 7.43 -22.92
C GLY C 96 -30.03 8.43 -23.69
N ILE C 97 -30.66 9.10 -24.64
CA ILE C 97 -29.98 10.08 -25.48
C ILE C 97 -28.53 9.67 -25.70
N THR C 98 -28.33 8.59 -26.45
CA THR C 98 -26.99 8.19 -26.81
C THR C 98 -26.41 9.24 -27.74
N ILE C 99 -25.33 9.86 -27.29
CA ILE C 99 -24.67 10.85 -28.12
C ILE C 99 -23.16 10.59 -28.13
N ASN C 100 -22.58 10.64 -29.33
CA ASN C 100 -21.15 10.46 -29.51
C ASN C 100 -20.44 11.80 -29.57
N THR C 101 -19.68 12.12 -28.53
CA THR C 101 -18.95 13.37 -28.48
C THR C 101 -17.53 13.16 -27.99
N ALA C 102 -16.60 13.76 -28.71
CA ALA C 102 -15.21 13.77 -28.33
C ALA C 102 -14.89 15.11 -27.67
N HIS C 103 -13.85 15.12 -26.85
CA HIS C 103 -13.42 16.36 -26.22
C HIS C 103 -11.91 16.43 -26.16
N VAL C 104 -11.38 17.61 -26.42
CA VAL C 104 -9.97 17.86 -26.24
C VAL C 104 -9.79 19.22 -25.58
N GLU C 105 -8.57 19.50 -25.12
CA GLU C 105 -8.29 20.80 -24.55
C GLU C 105 -6.98 21.33 -25.12
N TYR C 106 -6.95 22.63 -25.37
CA TYR C 106 -5.71 23.26 -25.79
C TYR C 106 -5.63 24.72 -25.33
N ASN C 107 -4.40 25.22 -25.24
CA ASN C 107 -4.15 26.57 -24.76
C ASN C 107 -3.48 27.46 -25.79
N SER C 108 -3.83 28.74 -25.74
CA SER C 108 -3.11 29.74 -26.49
C SER C 108 -2.45 30.69 -25.51
N THR C 109 -1.84 31.76 -26.01
CA THR C 109 -1.22 32.73 -25.12
C THR C 109 -2.25 33.40 -24.22
N ILE C 110 -3.45 33.61 -24.74
CA ILE C 110 -4.45 34.41 -24.06
C ILE C 110 -5.49 33.59 -23.28
N ARG C 111 -5.97 32.48 -23.85
CA ARG C 111 -7.12 31.79 -23.27
C ARG C 111 -7.12 30.25 -23.41
N HIS C 112 -7.98 29.62 -22.61
CA HIS C 112 -8.07 28.15 -22.52
C HIS C 112 -9.26 27.63 -23.31
N TYR C 113 -9.02 26.62 -24.14
CA TYR C 113 -10.04 26.14 -25.07
C TYR C 113 -10.50 24.72 -24.78
N ALA C 114 -11.81 24.57 -24.59
CA ALA C 114 -12.45 23.26 -24.50
C ALA C 114 -13.19 23.01 -25.80
N HIS C 115 -12.70 22.04 -26.56
CA HIS C 115 -13.12 21.81 -27.94
C HIS C 115 -13.92 20.51 -28.08
N VAL C 116 -15.06 20.53 -28.79
CA VAL C 116 -15.85 19.31 -29.02
C VAL C 116 -16.00 18.96 -30.52
N ASP C 117 -15.98 17.66 -30.83
CA ASP C 117 -16.12 17.16 -32.20
C ASP C 117 -17.11 15.98 -32.20
N CYS C 118 -17.86 15.80 -33.30
CA CYS C 118 -18.82 14.71 -33.37
C CYS C 118 -18.63 13.96 -34.68
N PRO C 119 -19.06 12.70 -34.73
CA PRO C 119 -18.99 11.89 -35.96
C PRO C 119 -19.94 12.29 -37.08
N GLY C 120 -21.25 12.27 -36.82
CA GLY C 120 -22.21 12.50 -37.88
C GLY C 120 -23.10 13.71 -37.70
N HIS C 121 -23.96 13.97 -38.68
CA HIS C 121 -24.93 15.04 -38.56
C HIS C 121 -25.89 14.83 -37.35
N ALA C 122 -26.42 13.62 -37.18
CA ALA C 122 -27.36 13.36 -36.11
C ALA C 122 -26.73 13.61 -34.74
N ASP C 123 -25.44 13.31 -34.59
CA ASP C 123 -24.75 13.58 -33.33
C ASP C 123 -24.70 15.08 -33.04
N TYR C 124 -24.57 15.88 -34.10
CA TYR C 124 -24.55 17.33 -33.96
C TYR C 124 -25.93 17.90 -33.63
N VAL C 125 -26.96 17.44 -34.32
CA VAL C 125 -28.30 17.90 -34.04
C VAL C 125 -28.68 17.69 -32.56
N LYS C 126 -28.42 16.50 -32.01
CA LYS C 126 -28.72 16.22 -30.60
C LYS C 126 -27.84 17.07 -29.71
N ASN C 127 -26.55 17.08 -30.02
CA ASN C 127 -25.58 17.76 -29.19
C ASN C 127 -25.96 19.21 -28.99
N MET C 128 -26.30 19.89 -30.09
CA MET C 128 -26.54 21.33 -30.06
C MET C 128 -27.90 21.70 -29.45
N ILE C 129 -28.94 20.92 -29.74
CA ILE C 129 -30.24 21.10 -29.09
C ILE C 129 -30.20 20.84 -27.57
N THR C 130 -29.35 19.93 -27.10
CA THR C 130 -29.34 19.58 -25.68
C THR C 130 -28.26 20.28 -24.82
N GLY C 131 -27.40 21.07 -25.46
CA GLY C 131 -26.34 21.74 -24.73
C GLY C 131 -25.18 20.84 -24.31
N ALA C 132 -25.20 19.56 -24.71
CA ALA C 132 -24.09 18.63 -24.39
C ALA C 132 -22.79 19.18 -24.96
N ALA C 133 -22.95 20.14 -25.86
CA ALA C 133 -21.85 20.90 -26.40
C ALA C 133 -22.38 22.28 -26.71
N GLN C 134 -22.30 23.19 -25.74
CA GLN C 134 -22.63 24.57 -26.04
C GLN C 134 -21.35 25.27 -26.41
N MET C 135 -21.47 26.28 -27.27
CA MET C 135 -20.33 26.96 -27.82
C MET C 135 -20.45 28.45 -27.61
N ASP C 136 -19.36 29.06 -27.17
CA ASP C 136 -19.26 30.51 -27.15
C ASP C 136 -18.93 30.92 -28.58
N GLY C 137 -18.29 30.02 -29.31
CA GLY C 137 -17.99 30.23 -30.72
C GLY C 137 -17.82 28.93 -31.45
N ALA C 138 -18.27 28.87 -32.70
CA ALA C 138 -18.15 27.65 -33.49
C ALA C 138 -17.14 27.83 -34.60
N ILE C 139 -16.49 26.74 -34.97
CA ILE C 139 -15.55 26.75 -36.07
C ILE C 139 -16.15 25.98 -37.24
N LEU C 140 -16.73 26.71 -38.19
CA LEU C 140 -17.29 26.10 -39.38
C LEU C 140 -16.15 25.61 -40.25
N VAL C 141 -16.16 24.31 -40.57
CA VAL C 141 -15.09 23.71 -41.37
C VAL C 141 -15.64 23.30 -42.72
N CYS C 142 -15.13 23.96 -43.76
CA CYS C 142 -15.59 23.77 -45.13
C CYS C 142 -14.37 23.61 -46.03
N SER C 143 -14.46 22.75 -47.04
CA SER C 143 -13.34 22.56 -47.96
C SER C 143 -13.66 23.18 -49.32
N ALA C 144 -12.67 23.81 -49.94
CA ALA C 144 -12.87 24.38 -51.26
C ALA C 144 -13.13 23.25 -52.25
N ALA C 145 -12.37 22.17 -52.13
CA ALA C 145 -12.50 21.04 -53.05
C ALA C 145 -13.97 20.63 -53.20
N ASP C 146 -14.59 20.14 -52.14
CA ASP C 146 -15.98 19.76 -52.21
C ASP C 146 -16.87 21.01 -52.28
N GLY C 147 -16.44 22.09 -51.61
CA GLY C 147 -17.26 23.27 -51.46
C GLY C 147 -18.35 23.04 -50.42
N PRO C 148 -19.15 24.08 -50.11
CA PRO C 148 -20.33 23.97 -49.24
C PRO C 148 -21.34 22.89 -49.67
N MET C 149 -21.97 22.25 -48.69
CA MET C 149 -22.87 21.13 -48.95
C MET C 149 -24.07 21.29 -48.02
N PRO C 150 -25.05 20.36 -48.09
CA PRO C 150 -26.26 20.64 -47.31
C PRO C 150 -26.04 20.69 -45.78
N GLN C 151 -25.31 19.73 -45.22
CA GLN C 151 -25.02 19.76 -43.79
C GLN C 151 -24.20 21.00 -43.39
N THR C 152 -23.71 21.75 -44.37
CA THR C 152 -23.11 23.06 -44.10
C THR C 152 -24.22 24.10 -43.85
N ARG C 153 -25.21 24.14 -44.74
CA ARG C 153 -26.41 24.93 -44.52
C ARG C 153 -26.99 24.58 -43.15
N GLU C 154 -27.41 23.33 -42.99
CA GLU C 154 -28.14 22.94 -41.78
C GLU C 154 -27.42 23.41 -40.52
N HIS C 155 -26.11 23.20 -40.47
CA HIS C 155 -25.33 23.46 -39.26
C HIS C 155 -25.16 24.94 -38.93
N ILE C 156 -25.28 25.80 -39.94
CA ILE C 156 -25.26 27.23 -39.68
C ILE C 156 -26.61 27.63 -39.05
N LEU C 157 -27.70 27.19 -39.64
CA LEU C 157 -29.04 27.52 -39.14
C LEU C 157 -29.18 27.04 -37.71
N LEU C 158 -28.79 25.78 -37.53
CA LEU C 158 -28.84 25.12 -36.24
C LEU C 158 -28.07 25.92 -35.21
N SER C 159 -27.02 26.60 -35.66
CA SER C 159 -26.26 27.49 -34.81
C SER C 159 -27.10 28.72 -34.44
N ARG C 160 -27.81 29.28 -35.41
CA ARG C 160 -28.69 30.42 -35.18
C ARG C 160 -29.77 30.03 -34.17
N GLN C 161 -30.37 28.87 -34.38
CA GLN C 161 -31.48 28.41 -33.55
C GLN C 161 -31.06 28.16 -32.10
N VAL C 162 -29.99 27.40 -31.91
CA VAL C 162 -29.46 27.12 -30.57
C VAL C 162 -28.75 28.33 -29.94
N GLY C 163 -28.78 29.47 -30.63
CA GLY C 163 -28.21 30.71 -30.13
C GLY C 163 -26.72 30.61 -29.83
N VAL C 164 -25.91 30.39 -30.86
CA VAL C 164 -24.47 30.50 -30.70
C VAL C 164 -24.05 31.90 -31.16
N PRO C 165 -23.19 32.56 -30.38
CA PRO C 165 -22.87 33.97 -30.59
C PRO C 165 -21.97 34.25 -31.80
N TYR C 166 -20.99 33.38 -32.04
CA TYR C 166 -20.04 33.63 -33.14
C TYR C 166 -19.67 32.37 -33.94
N ILE C 167 -19.49 32.55 -35.24
CA ILE C 167 -18.93 31.51 -36.09
C ILE C 167 -17.68 32.00 -36.81
N VAL C 168 -16.62 31.22 -36.71
CA VAL C 168 -15.38 31.48 -37.43
C VAL C 168 -15.19 30.36 -38.44
N VAL C 169 -14.70 30.71 -39.62
CA VAL C 169 -14.62 29.77 -40.72
C VAL C 169 -13.20 29.33 -40.98
N PHE C 170 -13.03 28.05 -41.30
CA PHE C 170 -11.72 27.53 -41.70
C PHE C 170 -11.87 26.74 -42.99
N LEU C 171 -11.44 27.33 -44.10
CA LEU C 171 -11.49 26.65 -45.41
C LEU C 171 -10.41 25.57 -45.53
N ASN C 172 -10.82 24.31 -45.35
CA ASN C 172 -9.91 23.18 -45.32
C ASN C 172 -9.44 22.69 -46.70
N LYS C 173 -8.48 21.76 -46.70
CA LYS C 173 -8.06 21.07 -47.91
C LYS C 173 -7.60 22.04 -48.99
N ALA C 174 -6.95 23.12 -48.57
CA ALA C 174 -6.46 24.14 -49.49
C ALA C 174 -5.30 23.63 -50.32
N ASP C 175 -4.69 22.53 -49.86
CA ASP C 175 -3.54 21.95 -50.54
C ASP C 175 -3.94 21.28 -51.86
N LEU C 176 -5.24 21.26 -52.12
CA LEU C 176 -5.77 20.67 -53.34
C LEU C 176 -6.56 21.70 -54.15
N VAL C 177 -5.95 22.84 -54.46
CA VAL C 177 -6.66 23.92 -55.15
C VAL C 177 -5.84 24.69 -56.21
N ALA C 180 -7.73 27.54 -58.94
CA ALA C 180 -6.84 28.15 -57.96
C ALA C 180 -7.43 29.44 -57.37
N GLU C 181 -8.28 30.12 -58.14
CA GLU C 181 -9.01 31.28 -57.63
C GLU C 181 -10.42 30.86 -57.21
N LEU C 182 -10.75 29.58 -57.38
CA LEU C 182 -12.02 29.04 -56.92
C LEU C 182 -12.19 29.36 -55.44
N LEU C 183 -11.07 29.64 -54.77
CA LEU C 183 -11.08 30.06 -53.38
C LEU C 183 -11.82 31.38 -53.22
N GLU C 184 -11.56 32.35 -54.11
CA GLU C 184 -12.30 33.61 -54.07
C GLU C 184 -13.81 33.33 -54.10
N LEU C 185 -14.24 32.52 -55.05
CA LEU C 185 -15.65 32.16 -55.19
C LEU C 185 -16.22 31.54 -53.91
N VAL C 186 -15.61 30.45 -53.44
CA VAL C 186 -16.17 29.65 -52.34
C VAL C 186 -16.27 30.40 -51.00
N GLU C 187 -15.50 31.47 -50.86
CA GLU C 187 -15.56 32.31 -49.67
C GLU C 187 -16.71 33.32 -49.75
N MET C 188 -17.16 33.62 -50.97
CA MET C 188 -18.34 34.47 -51.17
C MET C 188 -19.60 33.64 -50.96
N GLU C 189 -19.56 32.38 -51.38
CA GLU C 189 -20.67 31.47 -51.12
C GLU C 189 -20.89 31.36 -49.62
N VAL C 190 -19.81 31.13 -48.88
CA VAL C 190 -19.91 30.94 -47.43
C VAL C 190 -20.26 32.24 -46.71
N ARG C 191 -19.58 33.33 -47.08
CA ARG C 191 -19.84 34.64 -46.49
C ARG C 191 -21.26 35.09 -46.82
N ASP C 192 -21.83 34.54 -47.89
CA ASP C 192 -23.22 34.81 -48.27
C ASP C 192 -24.18 34.03 -47.37
N LEU C 193 -23.87 32.76 -47.12
CA LEU C 193 -24.69 31.89 -46.28
C LEU C 193 -24.85 32.45 -44.87
N LEU C 194 -23.73 32.82 -44.25
CA LEU C 194 -23.76 33.34 -42.89
C LEU C 194 -24.74 34.50 -42.76
N SER C 195 -24.65 35.46 -43.69
CA SER C 195 -25.45 36.69 -43.60
C SER C 195 -26.94 36.39 -43.73
N THR C 196 -27.28 35.30 -44.40
CA THR C 196 -28.67 34.91 -44.58
C THR C 196 -29.28 34.52 -43.23
N TYR C 197 -28.48 33.85 -42.39
CA TYR C 197 -28.98 33.37 -41.10
C TYR C 197 -28.58 34.29 -39.93
N ASP C 198 -28.45 35.57 -40.23
CA ASP C 198 -28.20 36.57 -39.20
C ASP C 198 -26.85 36.33 -38.55
N PHE C 199 -25.83 36.16 -39.38
CA PHE C 199 -24.45 36.11 -38.91
C PHE C 199 -23.61 37.11 -39.72
N PRO C 200 -22.62 37.74 -39.09
CA PRO C 200 -21.83 38.77 -39.81
C PRO C 200 -20.95 38.21 -40.94
N GLY C 201 -21.54 37.96 -42.11
CA GLY C 201 -20.79 37.37 -43.22
C GLY C 201 -19.70 38.28 -43.75
N ASP C 202 -19.94 39.59 -43.65
CA ASP C 202 -18.99 40.57 -44.17
C ASP C 202 -17.75 40.70 -43.27
N ASP C 203 -17.92 40.47 -41.98
CA ASP C 203 -16.80 40.59 -41.04
C ASP C 203 -16.30 39.23 -40.50
N THR C 204 -17.10 38.18 -40.66
CA THR C 204 -16.69 36.86 -40.20
C THR C 204 -15.31 36.47 -40.75
N PRO C 205 -14.32 36.29 -39.86
CA PRO C 205 -12.96 35.95 -40.31
C PRO C 205 -12.86 34.56 -40.90
N ILE C 206 -12.24 34.44 -42.08
CA ILE C 206 -12.09 33.14 -42.74
C ILE C 206 -10.61 32.83 -42.95
N ILE C 207 -10.13 31.78 -42.27
CA ILE C 207 -8.77 31.31 -42.46
C ILE C 207 -8.72 30.18 -43.50
N ILE C 208 -7.76 30.26 -44.42
CA ILE C 208 -7.56 29.21 -45.43
C ILE C 208 -6.34 28.34 -45.06
N GLY C 209 -6.46 27.03 -45.27
CA GLY C 209 -5.35 26.11 -45.01
C GLY C 209 -5.71 24.65 -45.16
N SER C 210 -4.80 23.78 -44.74
CA SER C 210 -5.08 22.35 -44.71
C SER C 210 -4.71 21.80 -43.34
N ALA C 211 -5.67 21.19 -42.65
CA ALA C 211 -5.42 20.59 -41.34
C ALA C 211 -4.56 19.34 -41.48
N ARG C 212 -4.73 18.62 -42.58
CA ARG C 212 -3.90 17.45 -42.85
C ARG C 212 -2.43 17.80 -42.67
N MET C 213 -1.91 18.72 -43.47
CA MET C 213 -0.52 19.15 -43.32
C MET C 213 -0.23 19.58 -41.90
N ALA C 214 -1.01 20.54 -41.39
CA ALA C 214 -0.81 21.03 -40.03
C ALA C 214 -0.62 19.86 -39.06
N LEU C 215 -1.43 18.82 -39.22
CA LEU C 215 -1.37 17.64 -38.36
C LEU C 215 -0.10 16.84 -38.60
N GLU C 216 0.19 16.56 -39.87
CA GLU C 216 1.41 15.84 -40.26
C GLU C 216 2.63 16.61 -39.75
N GLY C 217 2.43 17.88 -39.38
CA GLY C 217 3.52 18.74 -38.93
C GLY C 217 4.19 19.48 -40.09
N LYS C 218 3.59 19.41 -41.27
CA LYS C 218 4.14 20.08 -42.44
C LYS C 218 3.69 21.53 -42.51
N ASP C 219 4.18 22.25 -43.52
CA ASP C 219 3.85 23.65 -43.72
C ASP C 219 4.42 24.15 -45.06
N ASP C 220 3.93 23.59 -46.16
CA ASP C 220 4.54 23.83 -47.47
C ASP C 220 4.42 25.29 -47.85
N ASN C 221 3.19 25.76 -48.05
CA ASN C 221 2.94 27.18 -48.07
C ASN C 221 2.70 27.53 -46.63
N GLU C 222 2.21 28.73 -46.34
CA GLU C 222 1.82 29.00 -44.96
C GLU C 222 0.48 28.32 -44.69
N MET C 223 0.07 27.52 -45.65
CA MET C 223 -1.15 26.72 -45.59
C MET C 223 -1.22 25.75 -44.40
N GLY C 224 -0.08 25.32 -43.90
CA GLY C 224 -0.04 24.25 -42.91
C GLY C 224 -0.13 24.68 -41.45
N THR C 225 0.98 24.52 -40.74
CA THR C 225 1.02 24.76 -39.29
C THR C 225 0.67 26.22 -38.94
N THR C 226 0.99 27.13 -39.86
CA THR C 226 0.79 28.57 -39.65
C THR C 226 -0.69 28.95 -39.75
N ALA C 227 -1.40 28.34 -40.69
CA ALA C 227 -2.83 28.60 -40.86
C ALA C 227 -3.61 28.24 -39.60
N VAL C 228 -3.27 27.11 -38.99
CA VAL C 228 -3.96 26.68 -37.78
C VAL C 228 -3.59 27.62 -36.62
N LYS C 229 -2.34 28.09 -36.62
CA LYS C 229 -1.92 29.13 -35.67
C LYS C 229 -2.76 30.41 -35.86
N LYS C 230 -3.03 30.79 -37.12
CA LYS C 230 -3.86 31.97 -37.39
C LYS C 230 -5.29 31.75 -36.86
N LEU C 231 -5.78 30.53 -37.00
CA LEU C 231 -7.12 30.21 -36.52
C LEU C 231 -7.24 30.43 -35.01
N VAL C 232 -6.23 30.00 -34.26
CA VAL C 232 -6.29 30.14 -32.82
C VAL C 232 -6.19 31.62 -32.47
N GLU C 233 -5.29 32.31 -33.17
CA GLU C 233 -5.10 33.74 -32.97
C GLU C 233 -6.39 34.52 -33.27
N THR C 234 -7.18 34.03 -34.21
CA THR C 234 -8.44 34.69 -34.52
C THR C 234 -9.56 34.31 -33.50
N LEU C 235 -9.44 33.15 -32.87
CA LEU C 235 -10.39 32.79 -31.80
C LEU C 235 -10.17 33.67 -30.58
N ASP C 236 -8.91 33.99 -30.32
CA ASP C 236 -8.56 34.87 -29.22
C ASP C 236 -9.22 36.25 -29.38
N SER C 237 -9.12 36.82 -30.58
CA SER C 237 -9.49 38.23 -30.77
C SER C 237 -10.91 38.49 -31.26
N TYR C 238 -11.57 37.46 -31.81
CA TYR C 238 -12.89 37.65 -32.41
C TYR C 238 -14.03 37.24 -31.49
N ILE C 239 -13.72 36.33 -30.56
CA ILE C 239 -14.69 35.89 -29.57
C ILE C 239 -14.43 36.62 -28.27
N PRO C 240 -15.30 37.55 -27.90
CA PRO C 240 -15.09 38.32 -26.66
C PRO C 240 -15.01 37.40 -25.45
N GLU C 241 -14.18 37.75 -24.47
CA GLU C 241 -14.04 36.94 -23.26
C GLU C 241 -15.43 36.63 -22.71
N PRO C 242 -15.79 35.35 -22.67
CA PRO C 242 -17.12 34.91 -22.24
C PRO C 242 -17.32 35.25 -20.77
N VAL C 243 -18.54 35.61 -20.40
CA VAL C 243 -18.80 36.02 -19.02
C VAL C 243 -18.84 34.83 -18.05
N ARG C 244 -18.07 34.95 -16.97
CA ARG C 244 -17.94 33.88 -16.01
C ARG C 244 -19.25 33.71 -15.25
N ALA C 245 -19.63 32.46 -14.98
CA ALA C 245 -20.85 32.16 -14.22
C ALA C 245 -21.04 33.01 -12.93
N ILE C 246 -20.01 33.09 -12.07
CA ILE C 246 -20.13 33.88 -10.84
C ILE C 246 -20.28 35.38 -11.07
N ASP C 247 -20.16 35.82 -12.32
CA ASP C 247 -20.26 37.26 -12.64
C ASP C 247 -21.66 37.68 -13.08
N GLN C 248 -22.51 36.69 -13.36
CA GLN C 248 -23.84 36.98 -13.87
C GLN C 248 -24.85 37.15 -12.75
N PRO C 249 -25.99 37.75 -13.08
CA PRO C 249 -27.06 38.02 -12.11
C PRO C 249 -27.44 36.74 -11.40
N PHE C 250 -27.70 36.84 -10.11
CA PHE C 250 -27.93 35.66 -9.30
C PHE C 250 -29.16 34.87 -9.73
N LEU C 251 -29.05 33.55 -9.74
CA LEU C 251 -30.19 32.69 -10.02
C LEU C 251 -30.04 31.34 -9.31
N MET C 252 -31.07 30.97 -8.56
CA MET C 252 -31.17 29.62 -7.99
C MET C 252 -32.57 29.05 -8.21
N PRO C 253 -32.67 27.91 -8.89
CA PRO C 253 -34.00 27.32 -8.96
C PRO C 253 -34.31 26.62 -7.63
N ILE C 254 -35.53 26.79 -7.13
CA ILE C 254 -35.85 26.30 -5.81
C ILE C 254 -36.26 24.84 -5.84
N GLU C 255 -35.54 24.03 -5.05
CA GLU C 255 -35.93 22.65 -4.85
C GLU C 255 -36.80 22.48 -3.57
N ASP C 256 -36.26 22.74 -2.40
CA ASP C 256 -37.03 22.48 -1.18
C ASP C 256 -37.42 23.77 -0.46
N VAL C 257 -38.45 23.68 0.36
CA VAL C 257 -38.88 24.79 1.19
C VAL C 257 -39.12 24.32 2.64
N PHE C 258 -38.18 24.63 3.53
CA PHE C 258 -38.31 24.25 4.92
C PHE C 258 -38.72 25.44 5.77
N SER C 259 -39.33 25.19 6.90
CA SER C 259 -39.53 26.25 7.84
C SER C 259 -38.65 25.91 9.03
N ILE C 260 -37.80 26.85 9.41
CA ILE C 260 -36.86 26.63 10.51
C ILE C 260 -37.29 27.41 11.76
N SER C 261 -37.68 26.66 12.79
CA SER C 261 -38.30 27.24 13.97
C SER C 261 -37.48 28.41 14.51
N GLY C 262 -38.10 29.59 14.54
CA GLY C 262 -37.50 30.75 15.17
C GLY C 262 -36.47 31.48 14.32
N ARG C 263 -36.27 31.04 13.08
CA ARG C 263 -35.25 31.63 12.23
C ARG C 263 -35.84 32.03 10.87
N GLY C 264 -36.77 31.24 10.35
CA GLY C 264 -37.53 31.65 9.20
C GLY C 264 -37.57 30.61 8.11
N THR C 265 -38.08 31.00 6.95
CA THR C 265 -38.22 30.07 5.85
C THR C 265 -36.91 29.97 5.09
N VAL C 266 -36.52 28.75 4.73
CA VAL C 266 -35.30 28.55 3.97
C VAL C 266 -35.62 27.81 2.68
N VAL C 267 -35.06 28.26 1.57
CA VAL C 267 -35.33 27.59 0.31
C VAL C 267 -34.01 27.00 -0.18
N THR C 268 -34.04 25.78 -0.69
CA THR C 268 -32.81 25.12 -1.15
C THR C 268 -32.67 25.01 -2.65
N GLY C 269 -31.44 24.90 -3.11
CA GLY C 269 -31.18 24.58 -4.50
C GLY C 269 -29.70 24.65 -4.82
N ARG C 270 -29.35 24.39 -6.07
CA ARG C 270 -28.00 24.61 -6.54
C ARG C 270 -27.99 25.89 -7.34
N ILE C 271 -27.20 26.86 -6.90
CA ILE C 271 -27.15 28.15 -7.54
C ILE C 271 -26.63 27.97 -8.96
N GLU C 272 -27.39 28.43 -9.96
CA GLU C 272 -26.98 28.28 -11.33
C GLU C 272 -25.87 29.26 -11.68
N ARG C 273 -26.02 30.50 -11.24
CA ARG C 273 -25.04 31.52 -11.55
C ARG C 273 -25.10 32.62 -10.51
N GLY C 274 -24.18 33.56 -10.63
CA GLY C 274 -24.17 34.75 -9.80
C GLY C 274 -23.78 34.47 -8.37
N ILE C 275 -23.98 35.47 -7.52
CA ILE C 275 -23.68 35.35 -6.10
C ILE C 275 -24.82 35.92 -5.28
N VAL C 276 -25.21 35.20 -4.24
CA VAL C 276 -26.16 35.74 -3.28
C VAL C 276 -25.46 36.07 -1.94
N ARG C 277 -25.71 37.27 -1.45
CA ARG C 277 -25.09 37.72 -0.22
C ARG C 277 -26.18 38.12 0.78
N VAL C 278 -25.88 38.00 2.06
CA VAL C 278 -26.81 38.43 3.12
C VAL C 278 -27.24 39.90 2.91
N GLN C 279 -28.51 40.18 3.18
CA GLN C 279 -29.12 41.49 2.95
C GLN C 279 -29.46 41.78 1.48
N ASP C 280 -29.11 40.87 0.58
CA ASP C 280 -29.40 41.08 -0.85
C ASP C 280 -30.91 41.05 -1.07
N PRO C 281 -31.44 42.06 -1.77
CA PRO C 281 -32.83 41.92 -2.17
C PRO C 281 -32.95 40.81 -3.21
N LEU C 282 -34.11 40.19 -3.29
CA LEU C 282 -34.32 39.07 -4.20
C LEU C 282 -35.76 39.06 -4.69
N GLU C 283 -35.99 38.43 -5.83
CA GLU C 283 -37.35 38.21 -6.31
C GLU C 283 -37.62 36.70 -6.46
N ILE C 284 -38.87 36.30 -6.31
CA ILE C 284 -39.26 34.90 -6.52
C ILE C 284 -40.20 34.87 -7.72
N VAL C 285 -39.80 34.15 -8.77
CA VAL C 285 -40.43 34.24 -10.07
C VAL C 285 -40.90 32.87 -10.60
N GLY C 286 -42.11 32.85 -11.18
CA GLY C 286 -42.68 31.66 -11.79
C GLY C 286 -43.88 31.10 -11.05
N LEU C 287 -44.77 30.43 -11.80
CA LEU C 287 -45.90 29.65 -11.25
C LEU C 287 -46.94 30.47 -10.50
N ARG C 288 -46.49 31.50 -9.78
CA ARG C 288 -47.36 32.49 -9.16
C ARG C 288 -46.83 33.87 -9.47
N ASP C 289 -47.58 34.88 -9.05
CA ASP C 289 -47.15 36.26 -9.18
C ASP C 289 -45.80 36.47 -8.50
N THR C 290 -44.97 37.27 -9.14
CA THR C 290 -43.66 37.58 -8.61
C THR C 290 -43.77 38.23 -7.23
N THR C 291 -42.89 37.83 -6.30
CA THR C 291 -42.86 38.45 -4.98
C THR C 291 -41.43 38.75 -4.61
N THR C 292 -41.26 39.58 -3.59
CA THR C 292 -39.95 40.05 -3.18
C THR C 292 -39.57 39.54 -1.79
N THR C 293 -38.29 39.68 -1.45
CA THR C 293 -37.76 39.21 -0.17
C THR C 293 -36.28 39.54 -0.03
N THR C 294 -35.74 39.30 1.15
CA THR C 294 -34.33 39.57 1.41
C THR C 294 -33.60 38.33 1.92
N CYS C 295 -32.37 38.13 1.44
CA CYS C 295 -31.50 37.06 1.97
C CYS C 295 -31.03 37.41 3.38
N THR C 296 -31.22 36.50 4.33
CA THR C 296 -30.83 36.78 5.71
C THR C 296 -29.92 35.70 6.29
N GLY C 297 -29.44 34.80 5.42
CA GLY C 297 -28.50 33.78 5.80
C GLY C 297 -28.24 32.85 4.65
N VAL C 298 -27.06 32.23 4.63
CA VAL C 298 -26.80 31.14 3.71
C VAL C 298 -26.20 29.99 4.50
N GLU C 299 -26.84 28.83 4.45
CA GLU C 299 -26.32 27.63 5.10
C GLU C 299 -25.87 26.62 4.06
N MET C 300 -24.83 25.88 4.39
CA MET C 300 -24.28 24.92 3.46
C MET C 300 -23.47 23.93 4.25
N PHE C 301 -23.95 22.71 4.35
CA PHE C 301 -23.17 21.67 4.98
C PHE C 301 -22.90 22.08 6.42
N ARG C 302 -23.97 22.56 7.08
CA ARG C 302 -23.92 23.02 8.47
C ARG C 302 -22.87 24.05 8.72
N LYS C 303 -22.59 24.85 7.70
CA LYS C 303 -21.70 25.95 7.88
C LYS C 303 -22.52 27.19 7.56
N LEU C 304 -22.34 28.22 8.38
CA LEU C 304 -23.06 29.46 8.19
C LEU C 304 -22.14 30.39 7.44
N LEU C 305 -22.54 30.78 6.24
CA LEU C 305 -21.70 31.62 5.42
C LEU C 305 -22.44 32.91 5.12
N ASP C 306 -21.71 33.92 4.66
CA ASP C 306 -22.31 35.22 4.37
C ASP C 306 -22.57 35.37 2.88
N GLU C 307 -22.34 34.32 2.12
CA GLU C 307 -22.60 34.34 0.69
C GLU C 307 -22.64 32.92 0.15
N GLY C 308 -23.38 32.73 -0.95
CA GLY C 308 -23.39 31.49 -1.71
C GLY C 308 -22.98 31.74 -3.16
N ARG C 309 -22.14 30.87 -3.69
CA ARG C 309 -21.55 31.08 -5.01
C ARG C 309 -22.15 30.14 -6.06
N ALA C 310 -22.14 30.59 -7.31
CA ALA C 310 -22.53 29.79 -8.46
C ALA C 310 -21.98 28.36 -8.39
N GLY C 311 -22.86 27.37 -8.52
CA GLY C 311 -22.46 25.98 -8.51
C GLY C 311 -22.66 25.29 -7.18
N GLU C 312 -22.69 26.07 -6.10
CA GLU C 312 -22.81 25.52 -4.76
C GLU C 312 -24.27 25.16 -4.43
N ASN C 313 -24.43 24.09 -3.66
CA ASN C 313 -25.73 23.67 -3.16
C ASN C 313 -25.95 24.17 -1.76
N CYS C 314 -27.00 24.94 -1.54
CA CYS C 314 -27.17 25.53 -0.23
C CYS C 314 -28.61 25.81 0.15
N GLY C 315 -28.80 26.24 1.40
CA GLY C 315 -30.10 26.71 1.84
C GLY C 315 -30.01 28.20 2.03
N VAL C 316 -30.98 28.94 1.51
CA VAL C 316 -31.02 30.39 1.65
C VAL C 316 -32.15 30.80 2.58
N LEU C 317 -31.82 31.58 3.60
CA LEU C 317 -32.80 32.03 4.59
C LEU C 317 -33.44 33.35 4.14
N LEU C 318 -34.77 33.40 4.18
CA LEU C 318 -35.52 34.51 3.62
C LEU C 318 -36.26 35.33 4.68
N ARG C 319 -36.09 36.64 4.63
CA ARG C 319 -36.79 37.55 5.50
C ARG C 319 -38.28 37.51 5.20
N GLY C 320 -39.08 37.25 6.23
CA GLY C 320 -40.51 37.40 6.16
C GLY C 320 -41.30 36.33 5.40
N THR C 321 -40.86 35.99 4.19
CA THR C 321 -41.55 34.96 3.41
C THR C 321 -41.99 33.79 4.30
N LYS C 322 -43.25 33.38 4.19
CA LYS C 322 -43.79 32.22 4.91
C LYS C 322 -43.71 30.95 4.08
N ARG C 323 -43.72 29.79 4.74
CA ARG C 323 -43.47 28.50 4.05
C ARG C 323 -44.45 28.23 2.90
N ASP C 324 -45.64 28.81 2.96
CA ASP C 324 -46.66 28.56 1.93
C ASP C 324 -46.62 29.55 0.76
N ASP C 325 -45.64 30.45 0.75
CA ASP C 325 -45.57 31.50 -0.27
C ASP C 325 -44.48 31.23 -1.32
N VAL C 326 -43.89 30.04 -1.26
CA VAL C 326 -42.83 29.65 -2.17
C VAL C 326 -43.06 28.18 -2.47
N GLU C 327 -42.52 27.70 -3.60
CA GLU C 327 -42.62 26.28 -3.97
C GLU C 327 -41.57 25.92 -4.99
N ARG C 328 -41.25 24.62 -5.10
CA ARG C 328 -40.37 24.13 -6.16
C ARG C 328 -40.72 24.74 -7.50
N GLY C 329 -39.72 25.09 -8.29
CA GLY C 329 -40.00 25.46 -9.65
C GLY C 329 -39.76 26.92 -9.83
N GLN C 330 -40.07 27.70 -8.79
CA GLN C 330 -39.80 29.12 -8.80
C GLN C 330 -38.33 29.32 -8.71
N VAL C 331 -37.86 30.52 -9.04
CA VAL C 331 -36.44 30.79 -8.98
C VAL C 331 -36.19 32.03 -8.14
N LEU C 332 -35.20 31.91 -7.28
CA LEU C 332 -34.73 33.01 -6.48
C LEU C 332 -33.73 33.77 -7.34
N VAL C 333 -34.00 35.04 -7.61
CA VAL C 333 -33.19 35.78 -8.55
C VAL C 333 -32.97 37.23 -8.10
N LYS C 334 -31.95 37.90 -8.61
CA LYS C 334 -31.79 39.31 -8.29
C LYS C 334 -32.88 40.04 -9.06
N PRO C 335 -33.38 41.15 -8.50
CA PRO C 335 -34.56 41.80 -9.08
C PRO C 335 -34.36 42.36 -10.50
N GLY C 336 -35.42 42.26 -11.31
CA GLY C 336 -35.41 42.81 -12.66
C GLY C 336 -34.60 41.98 -13.63
N SER C 337 -34.13 40.84 -13.16
CA SER C 337 -33.13 40.04 -13.86
C SER C 337 -33.77 39.08 -14.87
N VAL C 338 -34.96 38.60 -14.51
CA VAL C 338 -35.65 37.53 -15.23
C VAL C 338 -37.15 37.74 -15.09
N LYS C 339 -37.93 37.32 -16.08
CA LYS C 339 -39.39 37.44 -16.00
C LYS C 339 -40.09 36.11 -16.29
N PRO C 340 -41.33 35.95 -15.79
CA PRO C 340 -42.07 34.73 -16.06
C PRO C 340 -42.71 34.77 -17.45
N HIS C 341 -42.79 33.63 -18.11
CA HIS C 341 -43.39 33.57 -19.44
C HIS C 341 -44.14 32.25 -19.62
N THR C 342 -45.05 32.23 -20.58
CA THR C 342 -45.87 31.05 -20.82
C THR C 342 -45.67 30.46 -22.22
N LYS C 343 -45.46 31.32 -23.21
CA LYS C 343 -45.43 30.91 -24.63
C LYS C 343 -44.08 31.21 -25.28
N PHE C 344 -43.53 30.22 -25.98
CA PHE C 344 -42.24 30.37 -26.63
C PHE C 344 -42.09 29.40 -27.82
N THR C 345 -41.09 29.65 -28.66
CA THR C 345 -40.74 28.71 -29.71
C THR C 345 -39.46 28.01 -29.31
N ALA C 346 -39.32 26.77 -29.74
CA ALA C 346 -38.21 25.95 -29.28
C ALA C 346 -37.75 25.04 -30.37
N GLU C 347 -36.45 24.76 -30.38
CA GLU C 347 -35.94 23.63 -31.14
C GLU C 347 -36.08 22.47 -30.19
N VAL C 348 -36.56 21.36 -30.72
CA VAL C 348 -36.79 20.19 -29.90
C VAL C 348 -36.27 18.96 -30.61
N TYR C 349 -35.43 18.19 -29.93
CA TYR C 349 -35.08 16.86 -30.39
C TYR C 349 -36.01 15.87 -29.70
N VAL C 350 -36.73 15.05 -30.45
CA VAL C 350 -37.55 13.98 -29.89
C VAL C 350 -36.81 12.63 -29.85
N LEU C 351 -36.78 11.99 -28.69
CA LEU C 351 -35.95 10.78 -28.52
C LEU C 351 -36.41 9.63 -29.42
N SER C 352 -35.56 8.61 -29.55
CA SER C 352 -35.88 7.39 -30.30
C SER C 352 -36.57 6.42 -29.38
N LYS C 353 -37.17 5.40 -29.95
CA LYS C 353 -37.61 4.30 -29.12
C LYS C 353 -36.37 3.75 -28.43
N GLU C 354 -35.32 3.54 -29.22
CA GLU C 354 -34.11 2.89 -28.70
C GLU C 354 -33.48 3.71 -27.56
N GLU C 355 -33.84 4.99 -27.46
CA GLU C 355 -33.30 5.87 -26.41
C GLU C 355 -34.24 6.04 -25.23
N GLY C 356 -35.31 5.24 -25.19
CA GLY C 356 -36.22 5.27 -24.07
C GLY C 356 -37.31 6.29 -24.25
N GLY C 357 -37.52 6.71 -25.49
CA GLY C 357 -38.57 7.66 -25.79
C GLY C 357 -39.81 6.93 -26.24
N ARG C 358 -40.71 7.66 -26.89
CA ARG C 358 -42.01 7.09 -27.23
C ARG C 358 -41.91 6.25 -28.47
N HIS C 359 -42.84 5.30 -28.59
CA HIS C 359 -42.85 4.34 -29.70
C HIS C 359 -43.62 4.80 -30.94
N THR C 360 -44.61 5.65 -30.73
CA THR C 360 -45.46 6.14 -31.80
C THR C 360 -45.25 7.64 -31.89
N PRO C 361 -45.75 8.25 -32.98
CA PRO C 361 -45.56 9.69 -33.17
C PRO C 361 -46.56 10.51 -32.37
N PHE C 362 -46.49 11.84 -32.46
CA PHE C 362 -47.52 12.71 -31.89
C PHE C 362 -47.89 13.79 -32.89
N PHE C 363 -48.97 14.52 -32.63
CA PHE C 363 -49.58 15.38 -33.62
C PHE C 363 -49.89 16.67 -32.94
N LYS C 364 -50.65 17.53 -33.60
CA LYS C 364 -51.04 18.79 -33.00
C LYS C 364 -51.84 18.54 -31.73
N GLY C 365 -51.67 19.39 -30.73
CA GLY C 365 -52.47 19.31 -29.51
C GLY C 365 -51.86 18.40 -28.46
N TYR C 366 -50.70 17.86 -28.79
CA TYR C 366 -49.93 17.05 -27.88
C TYR C 366 -49.59 17.83 -26.60
N ARG C 367 -50.08 17.37 -25.45
CA ARG C 367 -49.83 18.11 -24.20
C ARG C 367 -48.99 17.33 -23.20
N PRO C 368 -47.69 17.26 -23.43
CA PRO C 368 -46.82 16.58 -22.48
C PRO C 368 -46.48 17.48 -21.29
N GLN C 369 -45.47 17.06 -20.54
CA GLN C 369 -44.99 17.76 -19.35
C GLN C 369 -43.65 18.41 -19.69
N PHE C 370 -43.51 19.69 -19.40
CA PHE C 370 -42.27 20.43 -19.72
C PHE C 370 -41.45 20.70 -18.45
N TYR C 371 -40.25 20.13 -18.37
CA TYR C 371 -39.45 20.20 -17.15
C TYR C 371 -38.39 21.29 -17.25
N PHE C 372 -38.58 22.36 -16.47
CA PHE C 372 -37.61 23.44 -16.39
C PHE C 372 -36.90 23.47 -15.03
N ARG C 373 -35.62 23.11 -15.04
CA ARG C 373 -34.75 23.17 -13.86
C ARG C 373 -35.16 22.25 -12.72
N THR C 374 -36.24 22.59 -12.03
CA THR C 374 -36.64 21.82 -10.85
C THR C 374 -38.08 21.30 -10.87
N THR C 375 -38.90 21.80 -11.79
CA THR C 375 -40.29 21.36 -11.83
C THR C 375 -40.81 21.19 -13.27
N ASP C 376 -41.92 20.46 -13.42
CA ASP C 376 -42.56 20.28 -14.72
C ASP C 376 -43.87 21.02 -14.76
N VAL C 377 -44.25 21.41 -15.98
CA VAL C 377 -45.49 22.15 -16.22
C VAL C 377 -46.08 21.66 -17.55
N THR C 378 -47.38 21.41 -17.58
CA THR C 378 -48.03 20.98 -18.80
C THR C 378 -48.06 22.11 -19.82
N GLY C 379 -47.75 21.78 -21.07
CA GLY C 379 -47.79 22.74 -22.15
C GLY C 379 -48.40 22.09 -23.37
N ASN C 380 -49.03 22.90 -24.21
CA ASN C 380 -49.66 22.44 -25.45
C ASN C 380 -48.72 22.73 -26.62
N CYS C 381 -48.61 21.78 -27.56
CA CYS C 381 -47.68 21.89 -28.68
C CYS C 381 -48.33 22.22 -30.01
N GLU C 382 -47.80 23.24 -30.68
CA GLU C 382 -48.24 23.62 -32.02
C GLU C 382 -47.07 23.33 -32.96
N LEU C 383 -47.35 22.67 -34.07
CA LEU C 383 -46.29 22.33 -35.01
C LEU C 383 -46.15 23.37 -36.12
N PRO C 384 -45.04 23.32 -36.87
CA PRO C 384 -44.82 24.30 -37.93
C PRO C 384 -45.80 24.08 -39.06
N GLU C 385 -46.08 25.14 -39.82
CA GLU C 385 -46.97 25.04 -40.98
C GLU C 385 -46.60 23.84 -41.86
N GLY C 386 -47.57 22.95 -42.04
CA GLY C 386 -47.43 21.86 -42.98
C GLY C 386 -47.12 20.50 -42.38
N VAL C 387 -46.81 20.48 -41.09
CA VAL C 387 -46.42 19.23 -40.47
C VAL C 387 -47.60 18.66 -39.70
N GLU C 388 -47.96 17.41 -39.98
CA GLU C 388 -49.04 16.75 -39.26
C GLU C 388 -48.52 15.79 -38.18
N MET C 389 -47.34 15.22 -38.40
CA MET C 389 -46.76 14.24 -37.48
C MET C 389 -45.40 14.67 -37.01
N VAL C 390 -44.95 14.03 -35.93
CA VAL C 390 -43.58 14.16 -35.46
C VAL C 390 -43.14 12.77 -34.94
N MET C 391 -42.10 12.22 -35.54
CA MET C 391 -41.71 10.84 -35.25
C MET C 391 -40.68 10.77 -34.13
N PRO C 392 -40.59 9.62 -33.44
CA PRO C 392 -39.41 9.42 -32.59
C PRO C 392 -38.11 9.55 -33.41
N GLY C 393 -37.21 10.41 -32.96
CA GLY C 393 -35.95 10.65 -33.64
C GLY C 393 -35.90 11.99 -34.36
N ASP C 394 -37.05 12.60 -34.60
CA ASP C 394 -37.12 13.87 -35.32
C ASP C 394 -36.67 15.05 -34.48
N ASN C 395 -36.13 16.08 -35.12
CA ASN C 395 -36.00 17.36 -34.46
C ASN C 395 -36.88 18.33 -35.22
N ILE C 396 -37.58 19.19 -34.49
CA ILE C 396 -38.49 20.11 -35.12
C ILE C 396 -38.58 21.34 -34.28
N GLN C 397 -38.84 22.47 -34.91
CA GLN C 397 -39.11 23.68 -34.18
C GLN C 397 -40.60 23.69 -33.84
N MET C 398 -40.93 23.91 -32.58
CA MET C 398 -42.35 23.98 -32.18
C MET C 398 -42.65 25.19 -31.28
N THR C 399 -43.92 25.61 -31.32
CA THR C 399 -44.43 26.66 -30.43
C THR C 399 -45.20 26.03 -29.27
N VAL C 400 -44.76 26.34 -28.07
CA VAL C 400 -45.25 25.71 -26.85
C VAL C 400 -46.01 26.73 -26.00
N THR C 401 -47.12 26.32 -25.42
CA THR C 401 -47.89 27.19 -24.54
C THR C 401 -48.12 26.52 -23.18
N LEU C 402 -47.43 26.98 -22.16
CA LEU C 402 -47.56 26.40 -20.81
C LEU C 402 -48.85 26.83 -20.08
N ILE C 403 -49.30 25.99 -19.15
CA ILE C 403 -50.51 26.27 -18.36
C ILE C 403 -50.22 27.18 -17.14
N LYS C 404 -48.94 27.28 -16.76
CA LYS C 404 -48.48 28.19 -15.70
C LYS C 404 -47.22 28.91 -16.19
N THR C 405 -46.92 30.08 -15.62
CA THR C 405 -45.73 30.80 -16.05
C THR C 405 -44.48 30.17 -15.48
N ILE C 406 -43.37 30.37 -16.17
CA ILE C 406 -42.09 29.88 -15.69
C ILE C 406 -41.01 30.89 -16.00
N ALA C 407 -40.11 31.07 -15.06
CA ALA C 407 -38.99 31.96 -15.26
C ALA C 407 -38.15 31.43 -16.41
N MET C 408 -38.02 32.19 -17.49
CA MET C 408 -37.22 31.75 -18.64
C MET C 408 -36.54 32.86 -19.44
N GLU C 409 -35.53 32.44 -20.19
CA GLU C 409 -34.75 33.34 -21.02
C GLU C 409 -34.27 32.57 -22.28
N ASP C 410 -34.01 33.28 -23.37
CA ASP C 410 -33.54 32.64 -24.59
C ASP C 410 -32.35 31.77 -24.20
N GLY C 411 -32.37 30.50 -24.60
CA GLY C 411 -31.25 29.60 -24.36
C GLY C 411 -31.44 28.57 -23.27
N LEU C 412 -32.51 28.71 -22.48
CA LEU C 412 -32.79 27.79 -21.39
C LEU C 412 -33.16 26.39 -21.91
N ARG C 413 -32.44 25.37 -21.43
CA ARG C 413 -32.74 23.99 -21.85
C ARG C 413 -33.93 23.49 -21.04
N PHE C 414 -34.66 22.55 -21.61
CA PHE C 414 -35.76 21.91 -20.91
C PHE C 414 -35.92 20.50 -21.45
N ALA C 415 -36.60 19.66 -20.67
CA ALA C 415 -36.88 18.31 -21.10
C ALA C 415 -38.38 18.19 -21.23
N ILE C 416 -38.81 17.38 -22.18
CA ILE C 416 -40.22 17.03 -22.34
C ILE C 416 -40.42 15.66 -21.71
N ARG C 417 -41.52 15.48 -20.98
CA ARG C 417 -41.73 14.23 -20.26
C ARG C 417 -43.12 13.63 -20.31
N GLU C 418 -43.16 12.31 -20.36
CA GLU C 418 -44.37 11.53 -20.17
C GLU C 418 -44.12 10.49 -19.05
N GLY C 419 -44.96 10.48 -18.03
CA GLY C 419 -44.77 9.56 -16.92
C GLY C 419 -43.43 9.76 -16.24
N GLY C 420 -42.93 10.99 -16.22
CA GLY C 420 -41.68 11.32 -15.54
C GLY C 420 -40.45 10.86 -16.30
N ARG C 421 -40.66 9.98 -17.27
CA ARG C 421 -39.62 9.57 -18.18
C ARG C 421 -39.47 10.61 -19.31
N THR C 422 -38.24 11.10 -19.46
CA THR C 422 -37.88 12.06 -20.51
C THR C 422 -38.04 11.48 -21.94
N VAL C 423 -38.76 12.19 -22.81
CA VAL C 423 -39.01 11.76 -24.18
C VAL C 423 -38.64 12.84 -25.18
N GLY C 424 -38.26 14.01 -24.68
CA GLY C 424 -37.82 15.08 -25.56
C GLY C 424 -36.88 16.06 -24.89
N ALA C 425 -36.03 16.71 -25.67
CA ALA C 425 -35.14 17.72 -25.13
C ALA C 425 -35.12 18.95 -26.04
N GLY C 426 -35.21 20.14 -25.47
CA GLY C 426 -35.26 21.31 -26.30
C GLY C 426 -34.54 22.49 -25.71
N VAL C 427 -34.56 23.59 -26.45
CA VAL C 427 -33.96 24.82 -26.00
C VAL C 427 -34.87 25.98 -26.44
N VAL C 428 -35.18 26.87 -25.50
CA VAL C 428 -35.99 28.02 -25.85
C VAL C 428 -35.28 28.85 -26.91
N ALA C 429 -35.89 28.93 -28.08
CA ALA C 429 -35.30 29.63 -29.21
C ALA C 429 -35.70 31.09 -29.16
N LYS C 430 -36.96 31.35 -28.86
CA LYS C 430 -37.49 32.70 -28.82
C LYS C 430 -38.67 32.77 -27.87
N ILE C 431 -38.72 33.80 -27.05
CA ILE C 431 -39.82 33.99 -26.10
C ILE C 431 -40.88 34.92 -26.70
N ILE C 432 -42.14 34.49 -26.61
CA ILE C 432 -43.26 35.19 -27.22
C ILE C 432 -44.10 35.99 -26.23
N GLU C 433 -44.66 35.32 -25.23
CA GLU C 433 -45.58 35.94 -24.29
C GLU C 433 -45.22 35.51 -22.86
N HIS D 29 -33.77 6.67 13.88
CA HIS D 29 -33.85 8.13 13.76
C HIS D 29 -32.59 8.84 14.24
N PRO D 30 -32.12 8.51 15.46
CA PRO D 30 -30.84 9.10 15.88
C PRO D 30 -29.66 8.58 15.04
N MET D 31 -29.88 7.48 14.34
CA MET D 31 -28.81 6.94 13.50
C MET D 31 -28.69 7.79 12.24
N LEU D 32 -29.83 8.18 11.69
CA LEU D 32 -29.84 9.12 10.59
C LEU D 32 -29.16 10.41 11.04
N ALA D 33 -29.47 10.84 12.25
CA ALA D 33 -28.83 12.02 12.81
C ALA D 33 -27.31 11.80 12.92
N ALA D 34 -26.90 10.62 13.36
CA ALA D 34 -25.48 10.26 13.39
C ALA D 34 -24.81 10.42 12.04
N VAL D 35 -25.40 9.85 10.99
CA VAL D 35 -24.82 9.93 9.67
C VAL D 35 -24.74 11.38 9.22
N VAL D 36 -25.78 12.16 9.47
CA VAL D 36 -25.74 13.57 9.13
C VAL D 36 -24.59 14.23 9.89
N ASP D 37 -24.46 14.00 11.19
CA ASP D 37 -23.37 14.59 11.96
C ASP D 37 -22.02 14.19 11.35
N ASP D 38 -21.81 12.89 11.19
CA ASP D 38 -20.54 12.36 10.67
C ASP D 38 -20.16 12.95 9.32
N LEU D 39 -21.13 13.06 8.43
CA LEU D 39 -20.87 13.55 7.10
C LEU D 39 -20.36 15.00 7.25
N ALA D 40 -21.03 15.78 8.08
CA ALA D 40 -20.68 17.19 8.24
C ALA D 40 -19.31 17.42 8.87
N THR D 41 -18.86 16.52 9.75
CA THR D 41 -17.59 16.76 10.44
C THR D 41 -16.42 15.98 9.83
N HIS D 42 -16.66 14.85 9.19
CA HIS D 42 -15.57 14.01 8.66
C HIS D 42 -15.63 13.69 7.16
N GLY D 43 -16.82 13.75 6.57
CA GLY D 43 -17.01 13.48 5.17
C GLY D 43 -17.44 12.07 4.88
N TRP D 44 -17.52 11.24 5.93
CA TRP D 44 -18.01 9.87 5.79
C TRP D 44 -18.53 9.40 7.11
N SER D 45 -19.14 8.23 7.11
CA SER D 45 -19.80 7.71 8.28
C SER D 45 -19.96 6.24 8.06
N GLN D 46 -19.82 5.44 9.11
CA GLN D 46 -20.10 4.03 8.98
C GLN D 46 -20.97 3.58 10.14
N GLN D 47 -22.05 2.89 9.79
CA GLN D 47 -23.03 2.40 10.74
C GLN D 47 -23.15 0.89 10.64
N ALA D 48 -23.08 0.20 11.78
CA ALA D 48 -23.50 -1.18 11.87
C ALA D 48 -25.03 -1.18 12.03
N HIS D 49 -25.68 -2.26 11.62
CA HIS D 49 -27.09 -2.43 11.90
C HIS D 49 -27.93 -1.28 11.38
N PHE D 50 -27.64 -0.85 10.17
CA PHE D 50 -28.51 0.11 9.50
C PHE D 50 -29.95 -0.41 9.33
N LEU D 51 -30.14 -1.63 8.84
CA LEU D 51 -31.49 -2.20 8.73
C LEU D 51 -31.70 -3.32 9.74
N PRO D 52 -32.94 -3.74 9.94
CA PRO D 52 -33.16 -4.91 10.78
C PRO D 52 -32.44 -6.11 10.19
N ALA D 53 -31.92 -6.98 11.06
CA ALA D 53 -31.15 -8.14 10.64
C ALA D 53 -31.86 -9.00 9.57
N ASP D 54 -33.16 -9.25 9.72
CA ASP D 54 -33.84 -10.12 8.76
C ASP D 54 -34.09 -9.48 7.40
N LEU D 55 -34.17 -8.15 7.37
CA LEU D 55 -34.25 -7.45 6.10
C LEU D 55 -32.96 -7.57 5.30
N VAL D 56 -31.82 -7.47 6.00
CA VAL D 56 -30.50 -7.66 5.40
C VAL D 56 -30.40 -9.06 4.82
N ARG D 57 -30.79 -10.06 5.60
CA ARG D 57 -30.76 -11.44 5.16
C ARG D 57 -31.67 -11.58 3.93
N ALA D 58 -32.79 -10.87 3.94
CA ALA D 58 -33.73 -10.95 2.84
C ALA D 58 -33.17 -10.34 1.56
N LEU D 59 -32.32 -9.32 1.69
CA LEU D 59 -31.72 -8.67 0.54
C LEU D 59 -30.59 -9.52 -0.02
N ALA D 60 -29.81 -10.12 0.88
CA ALA D 60 -28.79 -11.06 0.48
C ALA D 60 -29.43 -12.21 -0.32
N ALA D 61 -30.52 -12.76 0.22
CA ALA D 61 -31.23 -13.82 -0.48
C ALA D 61 -31.69 -13.37 -1.88
N GLU D 62 -32.21 -12.15 -1.98
CA GLU D 62 -32.65 -11.61 -3.25
C GLU D 62 -31.48 -11.50 -4.23
N CYS D 63 -30.33 -11.08 -3.70
CA CYS D 63 -29.12 -10.97 -4.50
C CYS D 63 -28.68 -12.32 -5.10
N ARG D 64 -28.65 -13.35 -4.26
CA ARG D 64 -28.29 -14.68 -4.70
C ARG D 64 -29.30 -15.22 -5.71
N ARG D 65 -30.58 -14.96 -5.46
CA ARG D 65 -31.61 -15.38 -6.40
C ARG D 65 -31.30 -14.83 -7.80
N ARG D 66 -30.91 -13.56 -7.90
CA ARG D 66 -30.64 -12.98 -9.21
C ARG D 66 -29.40 -13.58 -9.86
N ASP D 67 -28.42 -13.95 -9.05
CA ASP D 67 -27.19 -14.57 -9.55
C ASP D 67 -27.52 -15.94 -10.15
N ALA D 68 -28.45 -16.65 -9.52
CA ALA D 68 -28.84 -17.97 -10.00
C ALA D 68 -29.54 -17.89 -11.35
N GLU D 69 -30.35 -16.85 -11.53
CA GLU D 69 -31.13 -16.69 -12.75
C GLU D 69 -30.37 -15.92 -13.84
N GLY D 70 -29.09 -15.66 -13.58
CA GLY D 70 -28.23 -15.03 -14.57
C GLY D 70 -28.66 -13.62 -14.88
N GLU D 71 -29.17 -12.94 -13.85
CA GLU D 71 -29.64 -11.57 -13.98
C GLU D 71 -28.56 -10.54 -13.63
N LEU D 72 -27.36 -11.02 -13.26
CA LEU D 72 -26.25 -10.13 -12.96
C LEU D 72 -25.23 -10.13 -14.10
N ASN D 73 -24.83 -8.94 -14.53
CA ASN D 73 -23.93 -8.78 -15.68
C ASN D 73 -22.62 -8.09 -15.31
N PRO D 74 -21.58 -8.31 -16.11
CA PRO D 74 -20.34 -7.56 -15.84
C PRO D 74 -20.57 -6.04 -15.75
N ALA D 75 -20.05 -5.45 -14.69
CA ALA D 75 -20.17 -4.03 -14.45
C ALA D 75 -19.13 -3.28 -15.25
N GLY D 76 -19.48 -2.06 -15.63
CA GLY D 76 -18.60 -1.23 -16.40
C GLY D 76 -18.15 0.00 -15.66
N VAL D 77 -17.47 0.87 -16.39
CA VAL D 77 -16.78 2.00 -15.79
C VAL D 77 -16.77 3.14 -16.77
N GLY D 78 -17.16 4.33 -16.31
CA GLY D 78 -17.24 5.50 -17.17
C GLY D 78 -18.66 5.88 -17.62
N ARG D 79 -18.75 6.93 -18.42
CA ARG D 79 -20.04 7.54 -18.71
C ARG D 79 -20.29 7.58 -20.22
N GLY D 80 -21.54 7.35 -20.62
CA GLY D 80 -21.94 7.49 -22.01
C GLY D 80 -21.21 6.57 -22.98
N ALA D 81 -20.72 7.16 -24.08
CA ALA D 81 -20.08 6.40 -25.16
C ALA D 81 -18.71 5.86 -24.76
N THR D 82 -18.13 6.49 -23.76
CA THR D 82 -16.81 6.11 -23.28
C THR D 82 -16.90 5.04 -22.17
N GLN D 83 -18.11 4.60 -21.84
CA GLN D 83 -18.33 3.56 -20.85
C GLN D 83 -17.94 2.18 -21.37
N GLU D 84 -17.17 1.43 -20.59
CA GLU D 84 -16.67 0.11 -21.01
C GLU D 84 -16.41 -0.84 -19.83
N VAL D 85 -16.46 -2.15 -20.10
CA VAL D 85 -16.22 -3.15 -19.07
C VAL D 85 -14.74 -3.47 -19.06
N ARG D 86 -13.97 -2.55 -18.50
CA ARG D 86 -12.53 -2.76 -18.35
C ARG D 86 -12.28 -3.72 -17.17
N GLU D 87 -11.83 -4.94 -17.46
CA GLU D 87 -11.75 -5.99 -16.44
C GLU D 87 -10.60 -5.81 -15.44
N THR D 88 -9.59 -5.02 -15.82
CA THR D 88 -8.44 -4.76 -14.93
C THR D 88 -8.69 -3.60 -13.98
N ILE D 89 -9.87 -3.00 -14.08
CA ILE D 89 -10.24 -1.95 -13.13
C ILE D 89 -11.34 -2.39 -12.17
N ARG D 90 -12.39 -3.00 -12.72
CA ARG D 90 -13.56 -3.37 -11.93
C ARG D 90 -14.08 -4.72 -12.40
N GLY D 91 -14.54 -5.55 -11.47
CA GLY D 91 -14.87 -6.92 -11.80
C GLY D 91 -16.10 -7.50 -11.12
N ASP D 92 -16.97 -6.65 -10.57
CA ASP D 92 -18.19 -7.17 -9.96
C ASP D 92 -19.33 -7.34 -10.97
N GLN D 93 -20.19 -8.34 -10.73
CA GLN D 93 -21.38 -8.54 -11.55
C GLN D 93 -22.58 -7.84 -10.89
N ILE D 94 -23.37 -7.12 -11.68
CA ILE D 94 -24.39 -6.25 -11.07
C ILE D 94 -25.77 -6.35 -11.70
N GLN D 95 -26.74 -5.73 -11.03
CA GLN D 95 -28.04 -5.44 -11.64
C GLN D 95 -28.68 -4.24 -10.95
N TRP D 96 -29.09 -3.27 -11.74
CA TRP D 96 -29.74 -2.10 -11.18
C TRP D 96 -31.07 -2.53 -10.59
N ILE D 97 -31.52 -1.84 -9.55
CA ILE D 97 -32.83 -2.14 -8.97
C ILE D 97 -33.86 -1.03 -9.21
N ASP D 98 -35.13 -1.41 -9.12
CA ASP D 98 -36.24 -0.51 -9.33
C ASP D 98 -37.36 -0.87 -8.37
N PRO D 99 -38.28 0.06 -8.14
CA PRO D 99 -39.38 -0.29 -7.24
C PRO D 99 -40.29 -1.35 -7.86
N GLY D 100 -40.81 -2.28 -7.06
CA GLY D 100 -41.72 -3.29 -7.58
C GLY D 100 -41.09 -4.64 -7.81
N GLN D 101 -39.75 -4.67 -7.89
CA GLN D 101 -39.03 -5.88 -8.19
C GLN D 101 -39.15 -6.91 -7.07
N ALA D 102 -38.98 -6.45 -5.84
CA ALA D 102 -39.00 -7.31 -4.65
C ALA D 102 -39.33 -6.48 -3.44
N GLU D 103 -40.03 -7.07 -2.48
CA GLU D 103 -40.51 -6.34 -1.33
C GLU D 103 -39.33 -5.83 -0.49
N ALA D 104 -38.30 -6.66 -0.35
CA ALA D 104 -37.18 -6.27 0.48
C ALA D 104 -36.48 -5.09 -0.17
N CYS D 105 -36.44 -5.08 -1.49
CA CYS D 105 -35.79 -4.01 -2.23
C CYS D 105 -36.55 -2.70 -2.07
N ASP D 106 -37.86 -2.80 -1.91
CA ASP D 106 -38.70 -1.63 -1.78
C ASP D 106 -38.46 -1.07 -0.38
N GLN D 107 -38.28 -1.94 0.59
CA GLN D 107 -38.09 -1.50 1.96
C GLN D 107 -36.74 -0.83 2.10
N TYR D 108 -35.75 -1.41 1.42
CA TYR D 108 -34.45 -0.78 1.32
C TYR D 108 -34.58 0.58 0.67
N LEU D 109 -35.22 0.67 -0.48
CA LEU D 109 -35.32 1.97 -1.15
C LEU D 109 -36.00 3.02 -0.27
N ALA D 110 -36.95 2.59 0.55
CA ALA D 110 -37.67 3.47 1.45
C ALA D 110 -36.70 4.02 2.49
N ALA D 111 -35.89 3.13 3.07
CA ALA D 111 -34.91 3.53 4.06
C ALA D 111 -33.91 4.51 3.49
N MET D 112 -33.49 4.29 2.24
CA MET D 112 -32.58 5.22 1.60
C MET D 112 -33.28 6.54 1.30
N ASP D 113 -34.56 6.54 0.99
CA ASP D 113 -35.22 7.82 0.82
C ASP D 113 -35.29 8.59 2.15
N GLN D 114 -35.44 7.86 3.25
CA GLN D 114 -35.52 8.47 4.56
C GLN D 114 -34.15 9.13 4.85
N LEU D 115 -33.07 8.44 4.48
CA LEU D 115 -31.72 8.96 4.64
C LEU D 115 -31.52 10.20 3.75
N ARG D 116 -32.03 10.14 2.52
CA ARG D 116 -31.93 11.25 1.62
C ARG D 116 -32.53 12.52 2.24
N LEU D 117 -33.74 12.40 2.76
CA LEU D 117 -34.42 13.56 3.35
C LEU D 117 -33.65 14.09 4.54
N ALA D 118 -33.04 13.20 5.33
CA ALA D 118 -32.35 13.61 6.56
C ALA D 118 -31.14 14.46 6.21
N ILE D 119 -30.40 14.00 5.21
CA ILE D 119 -29.28 14.76 4.70
C ILE D 119 -29.75 16.11 4.13
N ASN D 120 -30.87 16.13 3.42
CA ASN D 120 -31.31 17.40 2.88
C ASN D 120 -31.71 18.41 3.96
N GLN D 121 -32.31 17.96 5.06
CA GLN D 121 -32.65 18.90 6.12
C GLN D 121 -31.45 19.35 6.96
N GLY D 122 -30.48 18.47 7.12
CA GLY D 122 -29.32 18.79 7.95
C GLY D 122 -28.25 19.55 7.23
N LEU D 123 -28.03 19.22 5.97
CA LEU D 123 -26.85 19.69 5.26
C LEU D 123 -27.21 20.47 3.99
N PHE D 124 -28.49 20.44 3.59
CA PHE D 124 -28.92 21.19 2.40
C PHE D 124 -28.09 20.83 1.18
N LEU D 125 -27.78 19.54 1.00
CA LEU D 125 -26.98 19.06 -0.15
C LEU D 125 -27.75 18.98 -1.49
N GLY D 126 -29.08 19.00 -1.45
CA GLY D 126 -29.86 19.02 -2.68
C GLY D 126 -29.90 17.68 -3.37
N LEU D 127 -29.99 16.62 -2.58
CA LEU D 127 -30.10 15.28 -3.13
C LEU D 127 -31.48 15.05 -3.69
N GLU D 128 -31.50 14.77 -4.98
CA GLU D 128 -32.71 14.70 -5.78
C GLU D 128 -33.15 13.26 -6.02
N ASP D 129 -32.23 12.36 -6.30
CA ASP D 129 -32.61 10.96 -6.52
C ASP D 129 -31.54 9.94 -6.13
N PHE D 130 -31.92 8.67 -6.16
CA PHE D 130 -31.03 7.61 -5.74
C PHE D 130 -31.01 6.48 -6.77
N GLU D 131 -29.81 6.16 -7.27
CA GLU D 131 -29.60 5.05 -8.20
C GLU D 131 -28.72 3.98 -7.51
N CYS D 132 -29.14 2.72 -7.53
CA CYS D 132 -28.38 1.69 -6.83
C CYS D 132 -28.50 0.31 -7.48
N HIS D 133 -27.55 -0.57 -7.16
CA HIS D 133 -27.57 -1.93 -7.69
C HIS D 133 -26.98 -2.96 -6.73
N PHE D 134 -27.45 -4.20 -6.85
CA PHE D 134 -26.78 -5.33 -6.22
C PHE D 134 -25.39 -5.50 -6.87
N ALA D 135 -24.39 -5.84 -6.07
CA ALA D 135 -23.06 -6.14 -6.60
C ALA D 135 -22.58 -7.48 -6.03
N LEU D 136 -21.97 -8.28 -6.90
CA LEU D 136 -21.40 -9.57 -6.53
C LEU D 136 -19.99 -9.66 -7.06
N TYR D 137 -19.01 -9.67 -6.16
CA TYR D 137 -17.63 -9.95 -6.55
C TYR D 137 -17.28 -11.43 -6.42
N PRO D 138 -17.08 -12.13 -7.55
CA PRO D 138 -16.53 -13.49 -7.50
C PRO D 138 -15.21 -13.50 -6.74
N PRO D 139 -14.92 -14.60 -6.04
CA PRO D 139 -13.62 -14.61 -5.39
C PRO D 139 -12.52 -14.21 -6.36
N GLY D 140 -11.70 -13.25 -5.94
CA GLY D 140 -10.54 -12.80 -6.70
C GLY D 140 -10.77 -11.49 -7.43
N ALA D 141 -12.04 -11.15 -7.61
CA ALA D 141 -12.42 -9.94 -8.33
C ALA D 141 -12.21 -8.74 -7.44
N PHE D 142 -12.10 -7.57 -8.04
CA PHE D 142 -11.80 -6.35 -7.29
C PHE D 142 -12.34 -5.08 -7.93
N TYR D 143 -12.16 -3.96 -7.23
CA TYR D 143 -12.35 -2.63 -7.81
C TYR D 143 -11.15 -1.74 -7.46
N ARG D 144 -10.35 -1.40 -8.45
CA ARG D 144 -9.17 -0.57 -8.22
C ARG D 144 -9.54 0.85 -7.77
N ARG D 145 -8.55 1.61 -7.31
CA ARG D 145 -8.78 2.92 -6.70
C ARG D 145 -9.46 3.89 -7.66
N HIS D 146 -10.48 4.57 -7.19
CA HIS D 146 -11.34 5.39 -8.03
C HIS D 146 -12.17 6.38 -7.22
N LEU D 147 -12.73 7.37 -7.91
CA LEU D 147 -13.67 8.31 -7.33
C LEU D 147 -15.05 7.97 -7.89
N ASP D 148 -16.07 8.08 -7.05
CA ASP D 148 -17.40 7.72 -7.47
C ASP D 148 -17.97 8.76 -8.45
N ARG D 149 -17.62 10.02 -8.24
CA ARG D 149 -18.05 11.09 -9.12
C ARG D 149 -17.29 11.03 -10.44
N PHE D 150 -17.97 11.26 -11.55
CA PHE D 150 -17.36 11.24 -12.87
C PHE D 150 -16.47 12.44 -13.10
N ARG D 151 -15.43 12.25 -13.92
CA ARG D 151 -14.49 13.30 -14.30
C ARG D 151 -15.21 14.53 -14.88
N ASP D 152 -16.29 14.30 -15.62
CA ASP D 152 -16.98 15.39 -16.32
C ASP D 152 -18.50 15.45 -16.10
N ASP D 153 -19.02 14.69 -15.14
CA ASP D 153 -20.41 14.84 -14.69
C ASP D 153 -20.39 14.91 -13.16
N ASP D 154 -20.77 16.04 -12.59
CA ASP D 154 -20.57 16.24 -11.15
C ASP D 154 -21.80 16.03 -10.30
N ARG D 155 -22.83 15.35 -10.80
CA ARG D 155 -24.07 15.18 -10.04
C ARG D 155 -24.02 14.26 -8.79
N ARG D 156 -23.04 13.37 -8.71
CA ARG D 156 -22.96 12.44 -7.58
C ARG D 156 -22.43 13.15 -6.34
N MET D 157 -23.18 13.09 -5.24
CA MET D 157 -22.81 13.77 -4.01
C MET D 157 -22.48 12.80 -2.90
N VAL D 158 -23.34 11.82 -2.69
CA VAL D 158 -23.16 10.90 -1.59
C VAL D 158 -23.22 9.46 -2.05
N SER D 159 -22.18 8.73 -1.72
CA SER D 159 -22.14 7.32 -2.00
C SER D 159 -22.66 6.55 -0.79
N ALA D 160 -23.41 5.49 -1.05
CA ALA D 160 -23.87 4.61 0.02
C ALA D 160 -23.73 3.13 -0.34
N VAL D 161 -22.80 2.46 0.34
CA VAL D 161 -22.61 1.03 0.19
C VAL D 161 -23.20 0.27 1.40
N LEU D 162 -23.94 -0.81 1.15
CA LEU D 162 -24.52 -1.63 2.21
C LEU D 162 -24.11 -3.08 1.99
N TYR D 163 -23.57 -3.73 3.01
CA TYR D 163 -22.99 -5.07 2.88
C TYR D 163 -23.95 -6.17 3.34
N LEU D 164 -23.88 -7.33 2.71
CA LEU D 164 -24.82 -8.40 3.00
C LEU D 164 -24.18 -9.72 3.41
N ASN D 165 -22.91 -9.72 3.80
CA ASN D 165 -22.22 -10.98 4.10
C ASN D 165 -22.18 -11.38 5.58
N GLU D 166 -22.70 -12.56 5.87
CA GLU D 166 -22.70 -13.07 7.23
C GLU D 166 -21.41 -13.83 7.46
N GLY D 167 -20.87 -13.74 8.66
CA GLY D 167 -19.74 -14.57 9.08
C GLY D 167 -18.39 -14.20 8.49
N TRP D 168 -18.21 -12.93 8.13
CA TRP D 168 -16.96 -12.48 7.53
C TRP D 168 -15.83 -12.46 8.55
N GLN D 169 -14.63 -12.87 8.13
CA GLN D 169 -13.46 -12.85 8.99
C GLN D 169 -12.35 -12.02 8.33
N PRO D 170 -11.42 -11.46 9.11
CA PRO D 170 -10.36 -10.70 8.44
C PRO D 170 -9.57 -11.55 7.41
N HIS D 171 -9.47 -12.86 7.64
CA HIS D 171 -8.79 -13.79 6.72
C HIS D 171 -9.39 -13.81 5.30
N ASP D 172 -10.57 -13.24 5.15
CA ASP D 172 -11.30 -13.31 3.89
C ASP D 172 -10.97 -12.17 2.95
N GLY D 173 -10.17 -11.20 3.40
CA GLY D 173 -9.89 -10.02 2.59
C GLY D 173 -11.15 -9.27 2.19
N GLY D 174 -11.13 -8.64 1.02
CA GLY D 174 -12.33 -8.05 0.48
C GLY D 174 -12.82 -6.77 1.10
N GLN D 175 -11.93 -5.99 1.72
CA GLN D 175 -12.37 -4.77 2.40
C GLN D 175 -12.47 -3.54 1.49
N LEU D 176 -13.39 -2.64 1.83
CA LEU D 176 -13.35 -1.30 1.29
C LEU D 176 -12.19 -0.58 1.95
N ARG D 177 -11.31 0.00 1.15
CA ARG D 177 -10.21 0.81 1.65
C ARG D 177 -10.58 2.22 1.26
N MET D 178 -10.62 3.11 2.22
CA MET D 178 -10.95 4.50 1.94
C MET D 178 -9.71 5.40 2.12
N PHE D 179 -9.53 6.36 1.22
CA PHE D 179 -8.47 7.33 1.31
C PHE D 179 -8.97 8.66 1.81
N LEU D 180 -8.67 8.92 3.08
CA LEU D 180 -9.19 10.08 3.79
C LEU D 180 -8.21 11.23 3.77
N ALA D 181 -8.56 12.34 4.44
CA ALA D 181 -7.69 13.50 4.50
C ALA D 181 -6.33 13.16 5.10
N ASP D 182 -5.29 13.86 4.69
CA ASP D 182 -3.98 13.78 5.36
C ASP D 182 -3.33 12.41 5.24
N GLY D 183 -3.63 11.72 4.16
CA GLY D 183 -3.00 10.44 3.89
C GLY D 183 -3.49 9.32 4.79
N VAL D 184 -4.55 9.57 5.55
CA VAL D 184 -5.06 8.52 6.41
C VAL D 184 -5.84 7.51 5.58
N GLU D 185 -5.64 6.24 5.88
CA GLU D 185 -6.40 5.17 5.23
C GLU D 185 -7.26 4.46 6.27
N HIS D 186 -8.40 3.93 5.83
CA HIS D 186 -9.29 3.24 6.75
C HIS D 186 -10.00 2.06 6.08
N ASP D 187 -9.91 0.87 6.67
CA ASP D 187 -10.53 -0.34 6.10
C ASP D 187 -11.91 -0.66 6.68
N VAL D 188 -12.84 -1.05 5.80
CA VAL D 188 -14.15 -1.53 6.22
C VAL D 188 -14.36 -2.95 5.75
N GLU D 189 -14.55 -3.88 6.68
CA GLU D 189 -14.89 -5.25 6.31
C GLU D 189 -16.36 -5.30 5.89
N PRO D 190 -16.66 -6.02 4.80
CA PRO D 190 -18.02 -6.03 4.23
C PRO D 190 -18.96 -6.91 5.03
N VAL D 191 -19.30 -6.45 6.23
CA VAL D 191 -20.05 -7.24 7.21
C VAL D 191 -21.53 -6.95 7.08
N ALA D 192 -22.32 -8.02 6.99
CA ALA D 192 -23.76 -7.91 6.81
C ALA D 192 -24.30 -6.80 7.70
N GLY D 193 -25.05 -5.88 7.11
CA GLY D 193 -25.79 -4.88 7.88
C GLY D 193 -25.08 -3.54 7.98
N CYS D 194 -23.77 -3.60 7.78
CA CYS D 194 -22.94 -2.40 7.77
C CYS D 194 -23.22 -1.48 6.56
N LEU D 195 -23.38 -0.19 6.83
CA LEU D 195 -23.56 0.82 5.81
C LEU D 195 -22.43 1.84 5.89
N VAL D 196 -21.66 1.97 4.81
CA VAL D 196 -20.73 3.09 4.67
C VAL D 196 -21.35 4.16 3.76
N VAL D 197 -21.19 5.41 4.18
CA VAL D 197 -21.67 6.57 3.45
C VAL D 197 -20.54 7.58 3.36
N PHE D 198 -20.31 8.17 2.19
CA PHE D 198 -19.28 9.21 2.06
C PHE D 198 -19.53 10.18 0.93
N LEU D 199 -18.67 11.19 0.84
CA LEU D 199 -18.75 12.21 -0.21
C LEU D 199 -18.10 11.70 -1.49
N SER D 200 -18.94 11.53 -2.51
CA SER D 200 -18.55 10.92 -3.76
C SER D 200 -17.45 11.69 -4.47
N GLY D 201 -17.45 13.00 -4.33
CA GLY D 201 -16.42 13.82 -4.93
C GLY D 201 -15.11 13.92 -4.15
N GLU D 202 -15.05 13.38 -2.94
CA GLU D 202 -13.99 13.75 -2.02
C GLU D 202 -13.22 12.57 -1.44
N VAL D 203 -13.80 11.37 -1.48
CA VAL D 203 -13.17 10.17 -0.89
C VAL D 203 -12.78 9.11 -1.91
N PRO D 204 -11.51 9.07 -2.30
CA PRO D 204 -11.15 7.94 -3.16
C PRO D 204 -11.26 6.65 -2.38
N HIS D 205 -11.51 5.55 -3.05
CA HIS D 205 -11.65 4.29 -2.34
C HIS D 205 -11.37 3.18 -3.30
N GLU D 206 -11.49 1.95 -2.81
CA GLU D 206 -10.98 0.79 -3.50
C GLU D 206 -11.48 -0.44 -2.78
N VAL D 207 -11.76 -1.49 -3.55
CA VAL D 207 -12.20 -2.76 -2.98
C VAL D 207 -11.14 -3.81 -3.27
N LEU D 208 -10.51 -4.34 -2.22
CA LEU D 208 -9.48 -5.36 -2.40
C LEU D 208 -10.13 -6.70 -2.69
N PRO D 209 -9.38 -7.62 -3.32
CA PRO D 209 -9.86 -8.97 -3.59
C PRO D 209 -10.35 -9.69 -2.33
N ALA D 210 -11.17 -10.73 -2.51
CA ALA D 210 -11.66 -11.52 -1.38
C ALA D 210 -11.51 -12.98 -1.66
N GLY D 211 -11.52 -13.77 -0.60
CA GLY D 211 -11.39 -15.21 -0.72
C GLY D 211 -12.73 -15.89 -0.93
N ARG D 212 -13.80 -15.12 -0.81
CA ARG D 212 -15.13 -15.69 -0.97
C ARG D 212 -16.13 -14.71 -1.59
N GLU D 213 -17.21 -15.24 -2.14
CA GLU D 213 -18.27 -14.45 -2.76
C GLU D 213 -18.65 -13.29 -1.84
N ARG D 214 -18.56 -12.07 -2.40
CA ARG D 214 -18.79 -10.83 -1.66
C ARG D 214 -19.99 -10.06 -2.20
N LEU D 215 -21.06 -9.98 -1.41
CA LEU D 215 -22.32 -9.36 -1.84
C LEU D 215 -22.58 -8.00 -1.17
N SER D 216 -23.24 -7.10 -1.91
CA SER D 216 -23.56 -5.77 -1.40
C SER D 216 -24.63 -5.06 -2.23
N LEU D 217 -25.14 -3.96 -1.66
CA LEU D 217 -26.01 -3.02 -2.35
C LEU D 217 -25.32 -1.68 -2.35
N THR D 218 -24.89 -1.24 -3.52
CA THR D 218 -24.14 -0.01 -3.64
C THR D 218 -25.00 0.96 -4.48
N GLY D 219 -24.97 2.25 -4.14
CA GLY D 219 -25.74 3.26 -4.87
C GLY D 219 -25.37 4.71 -4.54
N TRP D 220 -25.88 5.65 -5.34
CA TRP D 220 -25.42 7.05 -5.30
C TRP D 220 -26.59 8.04 -5.30
N PHE D 221 -26.51 9.04 -4.42
CA PHE D 221 -27.50 10.11 -4.37
C PHE D 221 -27.00 11.24 -5.26
N ARG D 222 -27.85 11.78 -6.12
CA ARG D 222 -27.44 12.83 -7.04
C ARG D 222 -28.04 14.22 -6.81
N ARG D 223 -27.21 15.26 -7.00
CA ARG D 223 -27.63 16.65 -7.15
C ARG D 223 -28.28 16.93 -8.49
N ARG D 224 -28.82 18.15 -8.62
CA ARG D 224 -29.16 18.69 -9.93
C ARG D 224 -27.86 19.06 -10.65
N GLY D 225 -27.81 18.82 -11.96
CA GLY D 225 -26.67 19.18 -12.79
C GLY D 225 -27.04 20.30 -13.75
N ASN D 226 -26.12 20.65 -14.66
CA ASN D 226 -26.36 21.78 -15.55
C ASN D 226 -27.49 21.53 -16.53
N ASP D 227 -27.65 20.26 -16.92
CA ASP D 227 -28.69 19.87 -17.89
C ASP D 227 -29.89 19.22 -17.19
N PRO D 228 -31.10 19.37 -17.79
CA PRO D 228 -32.26 18.54 -17.37
C PRO D 228 -32.11 17.08 -17.82
N PHE D 229 -30.87 16.66 -18.08
CA PHE D 229 -30.54 15.35 -18.65
C PHE D 229 -28.99 15.32 -18.84
#